data_3MXG
#
_entry.id   3MXG
#
_cell.length_a   121.908
_cell.length_b   69.208
_cell.length_c   103.013
_cell.angle_alpha   90.00
_cell.angle_beta   124.36
_cell.angle_gamma   90.00
#
_symmetry.space_group_name_H-M   'C 1 2 1'
#
loop_
_entity.id
_entity.type
_entity.pdbx_description
1 polymer 'Shiga-like toxin 2 subunit B'
2 non-polymer D-xylose
3 water water
#
_entity_poly.entity_id   1
_entity_poly.type   'polypeptide(L)'
_entity_poly.pdbx_seq_one_letter_code
;ADCAKGKIEFSKYNEDDTFTVKVDGKEYWTSRWNLQPLLLSAQLTGMTVTIKSSTCESGSGFAEVQFNND
;
_entity_poly.pdbx_strand_id   A,B,C,D,E,F,G,H,I,J
#
# COMPACT_ATOMS: atom_id res chain seq x y z
N ALA A 1 -0.34 35.94 4.53
CA ALA A 1 -1.26 36.71 5.47
C ALA A 1 -2.39 35.80 5.99
N ASP A 2 -3.13 36.27 7.01
CA ASP A 2 -4.14 35.45 7.71
C ASP A 2 -5.52 35.44 7.03
N CYS A 3 -5.74 34.48 6.16
CA CYS A 3 -6.99 34.28 5.44
C CYS A 3 -8.23 34.01 6.28
N ALA A 4 -8.10 33.12 7.25
CA ALA A 4 -9.25 32.56 7.94
C ALA A 4 -8.85 31.99 9.29
N LYS A 5 -9.50 32.47 10.33
CA LYS A 5 -9.32 31.94 11.67
C LYS A 5 -10.67 31.42 12.18
N GLY A 6 -10.72 30.13 12.51
CA GLY A 6 -11.93 29.56 13.10
C GLY A 6 -11.74 28.09 13.32
N LYS A 7 -12.83 27.37 13.55
CA LYS A 7 -12.78 25.92 13.53
C LYS A 7 -12.85 25.48 12.07
N ILE A 8 -12.63 24.18 11.82
CA ILE A 8 -13.03 23.52 10.61
C ILE A 8 -14.47 23.05 10.78
N GLU A 9 -15.41 23.58 9.99
CA GLU A 9 -16.79 23.03 10.06
C GLU A 9 -16.96 21.73 9.27
N PHE A 10 -16.25 21.61 8.13
CA PHE A 10 -16.01 20.33 7.41
C PHE A 10 -14.66 20.24 6.68
N SER A 11 -14.24 19.01 6.46
CA SER A 11 -13.08 18.81 5.62
C SER A 11 -13.41 17.78 4.56
N LYS A 12 -12.66 17.77 3.47
CA LYS A 12 -13.01 16.85 2.37
C LYS A 12 -11.78 16.35 1.62
N TYR A 13 -11.66 15.02 1.57
CA TYR A 13 -10.67 14.37 0.73
C TYR A 13 -11.14 14.34 -0.74
N ASN A 14 -10.39 14.97 -1.63
CA ASN A 14 -10.81 15.11 -3.02
C ASN A 14 -10.25 14.02 -3.96
N GLU A 15 -10.96 13.75 -5.03
CA GLU A 15 -10.48 12.84 -6.09
C GLU A 15 -9.00 13.00 -6.51
N ASP A 16 -8.49 14.25 -6.52
CA ASP A 16 -7.09 14.55 -6.93
C ASP A 16 -6.11 14.50 -5.74
N ASP A 17 -6.53 13.86 -4.65
CA ASP A 17 -5.66 13.66 -3.50
C ASP A 17 -5.34 14.95 -2.79
N THR A 18 -6.23 15.94 -2.93
CA THR A 18 -6.12 17.18 -2.20
C THR A 18 -7.15 17.17 -1.08
N PHE A 19 -7.05 18.16 -0.18
CA PHE A 19 -7.81 18.16 1.03
C PHE A 19 -8.37 19.54 1.27
N THR A 20 -9.70 19.62 1.39
CA THR A 20 -10.36 20.90 1.57
C THR A 20 -10.83 21.01 3.01
N VAL A 21 -10.69 22.21 3.56
CA VAL A 21 -11.36 22.59 4.82
C VAL A 21 -12.15 23.86 4.65
N LYS A 22 -13.34 23.86 5.25
CA LYS A 22 -14.15 25.08 5.38
C LYS A 22 -13.87 25.71 6.77
N VAL A 23 -13.36 26.95 6.76
CA VAL A 23 -13.03 27.71 7.95
C VAL A 23 -13.58 29.14 7.84
N ASP A 24 -14.29 29.60 8.88
CA ASP A 24 -14.93 30.92 8.87
C ASP A 24 -15.80 31.12 7.61
N GLY A 25 -16.58 30.11 7.24
CA GLY A 25 -17.39 30.17 6.03
C GLY A 25 -16.60 30.28 4.70
N LYS A 26 -15.32 29.89 4.70
CA LYS A 26 -14.54 29.91 3.45
C LYS A 26 -13.79 28.59 3.18
N GLU A 27 -14.08 27.90 2.07
CA GLU A 27 -13.35 26.65 1.71
C GLU A 27 -11.93 27.00 1.25
N TYR A 28 -10.93 26.24 1.71
CA TYR A 28 -9.57 26.29 1.15
C TYR A 28 -9.07 24.85 0.99
N TRP A 29 -8.12 24.67 0.09
CA TRP A 29 -7.56 23.35 -0.16
C TRP A 29 -6.03 23.41 -0.19
N THR A 30 -5.42 22.22 -0.10
CA THR A 30 -3.97 22.08 -0.07
C THR A 30 -3.60 20.73 -0.68
N SER A 31 -2.42 20.73 -1.27
CA SER A 31 -1.91 19.57 -1.93
C SER A 31 -0.82 19.02 -1.09
N ARG A 32 -0.57 19.60 0.08
CA ARG A 32 0.36 19.05 1.04
C ARG A 32 -0.21 17.77 1.61
N TRP A 33 0.19 16.69 0.95
CA TRP A 33 -0.02 15.32 1.38
C TRP A 33 -0.04 15.15 2.91
N ASN A 34 1.06 15.51 3.57
CA ASN A 34 1.29 15.26 5.00
C ASN A 34 0.46 16.13 5.91
N LEU A 35 -0.13 17.20 5.36
CA LEU A 35 -1.01 18.05 6.17
C LEU A 35 -2.29 17.34 6.57
N GLN A 36 -2.63 16.30 5.81
CA GLN A 36 -3.97 15.73 5.83
C GLN A 36 -4.36 15.24 7.20
N PRO A 37 -3.62 14.25 7.74
CA PRO A 37 -4.00 13.68 9.03
C PRO A 37 -4.06 14.76 10.08
N LEU A 38 -3.24 15.80 9.89
CA LEU A 38 -3.18 16.90 10.84
C LEU A 38 -4.46 17.75 10.88
N LEU A 39 -5.02 18.00 9.69
CA LEU A 39 -6.16 18.90 9.61
C LEU A 39 -7.35 18.19 10.20
N LEU A 40 -7.45 16.91 9.89
CA LEU A 40 -8.55 16.15 10.35
C LEU A 40 -8.46 15.97 11.89
N SER A 41 -7.24 15.89 12.42
CA SER A 41 -7.09 15.87 13.85
C SER A 41 -7.59 17.20 14.43
N ALA A 42 -7.13 18.34 13.88
CA ALA A 42 -7.69 19.65 14.28
C ALA A 42 -9.23 19.62 14.30
N GLN A 43 -9.84 19.16 13.22
CA GLN A 43 -11.28 19.19 13.12
C GLN A 43 -11.88 18.39 14.28
N LEU A 44 -11.48 17.12 14.37
CA LEU A 44 -11.97 16.16 15.35
C LEU A 44 -11.85 16.63 16.80
N THR A 45 -10.85 17.48 17.06
CA THR A 45 -10.51 17.93 18.41
C THR A 45 -10.79 19.42 18.59
N GLY A 46 -11.69 19.99 17.77
CA GLY A 46 -12.11 21.40 17.88
C GLY A 46 -11.07 22.52 18.05
N MET A 47 -9.87 22.32 17.50
CA MET A 47 -8.87 23.39 17.40
C MET A 47 -9.29 24.54 16.51
N THR A 48 -8.86 25.72 16.89
CA THR A 48 -8.88 26.87 16.01
C THR A 48 -7.68 26.78 15.04
N VAL A 49 -7.98 26.87 13.75
CA VAL A 49 -6.93 26.99 12.77
C VAL A 49 -6.93 28.39 12.17
N THR A 50 -5.71 28.86 11.90
CA THR A 50 -5.44 30.05 11.13
C THR A 50 -4.87 29.54 9.81
N ILE A 51 -5.53 29.85 8.70
CA ILE A 51 -5.00 29.54 7.37
C ILE A 51 -4.22 30.72 6.82
N LYS A 52 -2.95 30.52 6.55
CA LYS A 52 -2.07 31.62 6.12
C LYS A 52 -1.65 31.45 4.68
N SER A 53 -1.82 32.51 3.89
CA SER A 53 -1.65 32.36 2.44
C SER A 53 -1.36 33.67 1.75
N SER A 54 -0.74 33.57 0.58
CA SER A 54 -0.63 34.74 -0.28
C SER A 54 -2.04 35.25 -0.66
N THR A 55 -2.82 34.40 -1.33
CA THR A 55 -4.17 34.78 -1.80
C THR A 55 -5.31 34.11 -1.03
N CYS A 56 -6.22 34.95 -0.53
CA CYS A 56 -7.13 34.55 0.55
C CYS A 56 -8.62 34.34 0.15
N GLU A 57 -8.97 34.55 -1.13
CA GLU A 57 -10.35 34.37 -1.60
C GLU A 57 -10.86 32.94 -1.35
N SER A 58 -12.16 32.79 -1.16
CA SER A 58 -12.76 31.46 -0.99
C SER A 58 -12.41 30.55 -2.18
N GLY A 59 -11.61 29.52 -1.92
CA GLY A 59 -11.30 28.47 -2.91
C GLY A 59 -9.82 28.26 -3.28
N SER A 60 -8.93 29.08 -2.73
CA SER A 60 -7.53 29.08 -3.16
C SER A 60 -6.70 27.99 -2.48
N GLY A 61 -5.47 27.84 -2.95
CA GLY A 61 -4.59 26.81 -2.44
C GLY A 61 -3.88 27.32 -1.21
N PHE A 62 -3.45 26.42 -0.34
CA PHE A 62 -2.67 26.87 0.82
C PHE A 62 -1.69 25.79 1.22
N ALA A 63 -0.66 26.22 1.96
CA ALA A 63 0.38 25.31 2.44
C ALA A 63 0.84 25.63 3.87
N GLU A 64 0.36 26.74 4.41
CA GLU A 64 0.70 27.18 5.77
C GLU A 64 -0.56 27.19 6.61
N VAL A 65 -0.46 26.73 7.85
CA VAL A 65 -1.62 26.79 8.76
C VAL A 65 -1.20 26.61 10.24
N GLN A 66 -1.65 27.54 11.08
CA GLN A 66 -1.30 27.45 12.49
C GLN A 66 -2.34 26.66 13.24
N PHE A 67 -1.88 25.92 14.24
CA PHE A 67 -2.76 25.18 15.14
C PHE A 67 -2.79 25.78 16.54
N ASN A 68 -3.94 26.33 16.94
CA ASN A 68 -4.14 26.81 18.31
C ASN A 68 -5.18 26.01 19.05
N ASN A 69 -5.01 25.93 20.38
CA ASN A 69 -5.85 25.07 21.25
C ASN A 69 -7.30 25.53 21.50
N ASP A 70 -7.42 26.67 22.20
CA ASP A 70 -8.69 27.40 22.49
C ASP A 70 -9.94 26.57 22.97
N ALA B 1 -22.49 -5.16 -27.89
CA ALA B 1 -22.03 -5.05 -29.31
C ALA B 1 -20.53 -4.77 -29.37
N ASP B 2 -19.89 -5.04 -30.51
CA ASP B 2 -18.44 -4.81 -30.66
C ASP B 2 -18.08 -3.41 -31.15
N CYS B 3 -17.71 -2.56 -30.22
CA CYS B 3 -17.43 -1.16 -30.53
C CYS B 3 -16.21 -0.94 -31.40
N ALA B 4 -15.12 -1.64 -31.07
CA ALA B 4 -13.84 -1.46 -31.75
C ALA B 4 -12.96 -2.71 -31.59
N LYS B 5 -12.16 -2.97 -32.62
CA LYS B 5 -11.21 -4.08 -32.70
C LYS B 5 -9.93 -3.50 -33.28
N GLY B 6 -8.77 -3.94 -32.82
CA GLY B 6 -7.54 -3.27 -33.19
C GLY B 6 -6.53 -3.35 -32.06
N LYS B 7 -5.37 -2.75 -32.29
CA LYS B 7 -4.30 -2.71 -31.32
C LYS B 7 -4.57 -1.50 -30.49
N ILE B 8 -3.96 -1.45 -29.31
CA ILE B 8 -4.12 -0.30 -28.46
C ILE B 8 -3.03 0.69 -28.83
N GLU B 9 -3.43 1.89 -29.28
CA GLU B 9 -2.51 2.95 -29.75
C GLU B 9 -1.80 3.67 -28.62
N PHE B 10 -2.57 4.06 -27.60
CA PHE B 10 -2.03 4.42 -26.30
C PHE B 10 -3.08 4.04 -25.30
N SER B 11 -2.66 3.97 -24.04
CA SER B 11 -3.61 3.89 -22.96
C SER B 11 -3.34 5.02 -21.95
N LYS B 12 -4.28 5.28 -21.06
CA LYS B 12 -4.10 6.34 -20.08
C LYS B 12 -4.74 6.07 -18.69
N TYR B 13 -3.90 6.23 -17.66
CA TYR B 13 -4.33 6.16 -16.28
C TYR B 13 -4.84 7.52 -15.83
N ASN B 14 -6.11 7.57 -15.39
CA ASN B 14 -6.81 8.82 -15.08
C ASN B 14 -6.88 9.12 -13.60
N GLU B 15 -6.98 10.39 -13.26
CA GLU B 15 -7.03 10.82 -11.88
C GLU B 15 -8.22 10.19 -11.11
N ASP B 16 -9.31 9.88 -11.80
CA ASP B 16 -10.44 9.23 -11.15
C ASP B 16 -10.30 7.71 -11.09
N ASP B 17 -9.07 7.21 -11.26
CA ASP B 17 -8.73 5.79 -11.21
C ASP B 17 -9.29 4.95 -12.37
N THR B 18 -9.86 5.59 -13.38
CA THR B 18 -10.38 4.89 -14.52
C THR B 18 -9.25 4.73 -15.52
N PHE B 19 -9.44 3.84 -16.50
CA PHE B 19 -8.37 3.51 -17.44
C PHE B 19 -8.87 3.68 -18.84
N THR B 20 -8.17 4.49 -19.61
CA THR B 20 -8.58 4.76 -21.01
C THR B 20 -7.69 4.06 -22.03
N VAL B 21 -8.31 3.50 -23.06
CA VAL B 21 -7.56 2.98 -24.19
C VAL B 21 -8.08 3.54 -25.49
N LYS B 22 -7.15 3.77 -26.42
CA LYS B 22 -7.46 4.03 -27.82
C LYS B 22 -7.28 2.78 -28.74
N VAL B 23 -8.29 2.50 -29.56
CA VAL B 23 -8.38 1.33 -30.37
C VAL B 23 -9.17 1.77 -31.60
N ASP B 24 -8.59 1.60 -32.80
CA ASP B 24 -9.32 1.93 -34.00
C ASP B 24 -9.75 3.41 -33.99
N GLY B 25 -8.82 4.29 -33.63
CA GLY B 25 -9.07 5.73 -33.57
C GLY B 25 -10.18 6.22 -32.63
N LYS B 26 -10.57 5.40 -31.64
CA LYS B 26 -11.66 5.76 -30.73
C LYS B 26 -11.27 5.50 -29.28
N GLU B 27 -11.56 6.44 -28.37
CA GLU B 27 -11.16 6.27 -26.97
C GLU B 27 -12.29 5.63 -26.17
N TYR B 28 -11.96 4.78 -25.21
CA TYR B 28 -12.98 4.17 -24.36
C TYR B 28 -12.40 4.10 -22.97
N TRP B 29 -13.21 4.18 -21.93
CA TRP B 29 -12.65 4.03 -20.58
C TRP B 29 -13.31 2.93 -19.79
N THR B 30 -12.62 2.45 -18.77
CA THR B 30 -13.16 1.40 -17.95
C THR B 30 -12.81 1.77 -16.53
N SER B 31 -13.74 1.48 -15.60
CA SER B 31 -13.55 1.75 -14.17
C SER B 31 -13.26 0.45 -13.48
N ARG B 32 -13.12 -0.64 -14.24
CA ARG B 32 -12.87 -1.91 -13.60
C ARG B 32 -11.40 -1.94 -13.27
N TRP B 33 -11.15 -2.09 -11.98
CA TRP B 33 -9.85 -2.12 -11.36
C TRP B 33 -8.93 -3.21 -11.94
N ASN B 34 -9.38 -4.46 -11.95
CA ASN B 34 -8.52 -5.59 -12.23
C ASN B 34 -8.19 -5.69 -13.72
N LEU B 35 -8.94 -4.96 -14.56
CA LEU B 35 -8.69 -4.87 -16.02
C LEU B 35 -7.43 -4.09 -16.34
N GLN B 36 -7.06 -3.15 -15.48
CA GLN B 36 -5.95 -2.27 -15.80
C GLN B 36 -4.69 -3.04 -16.20
N PRO B 37 -4.12 -3.83 -15.27
CA PRO B 37 -2.87 -4.52 -15.64
C PRO B 37 -2.96 -5.25 -16.98
N LEU B 38 -4.13 -5.78 -17.28
CA LEU B 38 -4.33 -6.64 -18.44
C LEU B 38 -4.36 -5.83 -19.70
N LEU B 39 -4.89 -4.60 -19.60
CA LEU B 39 -5.02 -3.76 -20.78
C LEU B 39 -3.65 -3.29 -21.20
N LEU B 40 -2.87 -2.78 -20.24
CA LEU B 40 -1.52 -2.37 -20.50
C LEU B 40 -0.69 -3.53 -21.01
N SER B 41 -0.91 -4.71 -20.42
CA SER B 41 -0.20 -5.87 -20.88
C SER B 41 -0.40 -6.07 -22.40
N ALA B 42 -1.65 -6.02 -22.84
CA ALA B 42 -1.94 -6.19 -24.24
C ALA B 42 -1.25 -5.13 -25.08
N GLN B 43 -1.07 -3.93 -24.57
CA GLN B 43 -0.56 -2.86 -25.38
C GLN B 43 0.91 -3.16 -25.64
N LEU B 44 1.61 -3.53 -24.57
CA LEU B 44 3.06 -3.79 -24.57
C LEU B 44 3.48 -4.93 -25.49
N THR B 45 2.62 -5.93 -25.63
CA THR B 45 2.92 -7.10 -26.47
C THR B 45 2.06 -7.04 -27.74
N GLY B 46 1.35 -5.92 -27.90
CA GLY B 46 0.44 -5.74 -29.03
C GLY B 46 -0.52 -6.87 -29.39
N MET B 47 -1.39 -7.25 -28.45
CA MET B 47 -2.48 -8.17 -28.76
C MET B 47 -3.53 -7.37 -29.46
N THR B 48 -4.46 -8.08 -30.11
CA THR B 48 -5.64 -7.44 -30.71
C THR B 48 -6.88 -7.50 -29.78
N VAL B 49 -7.32 -6.32 -29.37
CA VAL B 49 -8.40 -6.28 -28.39
C VAL B 49 -9.68 -5.93 -29.06
N THR B 50 -10.76 -6.50 -28.58
CA THR B 50 -12.10 -6.21 -29.03
C THR B 50 -12.87 -5.60 -27.84
N ILE B 51 -13.05 -4.28 -27.88
CA ILE B 51 -13.87 -3.56 -26.95
C ILE B 51 -15.33 -3.87 -27.28
N LYS B 52 -16.10 -4.23 -26.25
CA LYS B 52 -17.51 -4.56 -26.39
C LYS B 52 -18.39 -3.80 -25.38
N SER B 53 -19.54 -3.30 -25.82
CA SER B 53 -20.39 -2.42 -24.99
C SER B 53 -21.84 -2.30 -25.47
N SER B 54 -22.71 -1.81 -24.59
CA SER B 54 -24.08 -1.50 -24.98
C SER B 54 -24.07 -0.35 -25.98
N THR B 55 -23.59 0.82 -25.56
CA THR B 55 -23.44 1.99 -26.45
C THR B 55 -21.98 2.13 -26.88
N CYS B 56 -21.77 2.33 -28.18
CA CYS B 56 -20.43 2.17 -28.72
C CYS B 56 -19.77 3.46 -29.24
N GLU B 57 -20.38 4.60 -28.98
CA GLU B 57 -19.78 5.87 -29.41
C GLU B 57 -18.45 6.13 -28.69
N SER B 58 -17.55 6.87 -29.34
CA SER B 58 -16.27 7.23 -28.75
C SER B 58 -16.49 7.91 -27.41
N GLY B 59 -15.66 7.56 -26.43
CA GLY B 59 -15.65 8.23 -25.13
C GLY B 59 -16.51 7.59 -24.07
N SER B 60 -17.23 6.51 -24.42
CA SER B 60 -18.10 5.79 -23.46
C SER B 60 -17.37 4.66 -22.71
N GLY B 61 -18.07 4.06 -21.75
CA GLY B 61 -17.47 3.06 -20.85
C GLY B 61 -17.63 1.61 -21.26
N PHE B 62 -16.67 0.79 -20.87
CA PHE B 62 -16.72 -0.63 -21.14
C PHE B 62 -16.29 -1.46 -19.93
N ALA B 63 -16.72 -2.71 -19.92
CA ALA B 63 -16.40 -3.63 -18.85
C ALA B 63 -16.24 -5.02 -19.41
N GLU B 64 -16.25 -5.11 -20.73
CA GLU B 64 -16.08 -6.36 -21.47
C GLU B 64 -15.08 -6.14 -22.60
N VAL B 65 -14.08 -7.00 -22.68
CA VAL B 65 -13.04 -6.94 -23.70
C VAL B 65 -12.46 -8.31 -24.01
N GLN B 66 -12.31 -8.60 -25.31
CA GLN B 66 -11.74 -9.86 -25.79
C GLN B 66 -10.27 -9.66 -26.14
N PHE B 67 -9.46 -10.67 -25.86
CA PHE B 67 -8.01 -10.60 -26.12
C PHE B 67 -7.56 -11.65 -27.11
N ASN B 68 -7.04 -11.21 -28.24
CA ASN B 68 -6.53 -12.12 -29.26
C ASN B 68 -5.05 -11.88 -29.51
N ASN B 69 -4.27 -12.95 -29.57
CA ASN B 69 -2.89 -12.84 -30.02
C ASN B 69 -2.86 -12.49 -31.50
N ASP B 70 -3.72 -13.18 -32.28
CA ASP B 70 -3.63 -13.31 -33.77
C ASP B 70 -2.38 -12.75 -34.53
N ALA C 1 -11.57 -33.49 -13.69
CA ALA C 1 -11.56 -34.10 -15.04
C ALA C 1 -10.87 -33.16 -16.04
N ASP C 2 -10.10 -33.72 -16.96
CA ASP C 2 -9.36 -32.90 -17.91
C ASP C 2 -10.26 -32.51 -19.07
N CYS C 3 -10.81 -31.29 -18.99
CA CYS C 3 -11.80 -30.78 -19.92
C CYS C 3 -11.27 -30.42 -21.30
N ALA C 4 -10.11 -29.77 -21.33
CA ALA C 4 -9.55 -29.27 -22.56
C ALA C 4 -8.07 -29.02 -22.31
N LYS C 5 -7.25 -29.26 -23.32
CA LYS C 5 -5.82 -29.04 -23.20
C LYS C 5 -5.32 -28.36 -24.46
N GLY C 6 -4.45 -27.37 -24.34
CA GLY C 6 -3.90 -26.72 -25.53
C GLY C 6 -3.64 -25.25 -25.29
N LYS C 7 -3.35 -24.51 -26.37
CA LYS C 7 -3.11 -23.08 -26.29
C LYS C 7 -4.41 -22.36 -26.05
N ILE C 8 -4.33 -21.08 -25.66
CA ILE C 8 -5.53 -20.27 -25.49
C ILE C 8 -5.78 -19.48 -26.79
N GLU C 9 -6.86 -19.83 -27.49
CA GLU C 9 -7.33 -19.14 -28.71
C GLU C 9 -7.50 -17.64 -28.49
N PHE C 10 -8.28 -17.31 -27.45
CA PHE C 10 -8.51 -15.96 -27.01
C PHE C 10 -8.97 -15.93 -25.56
N SER C 11 -8.74 -14.80 -24.89
CA SER C 11 -9.31 -14.65 -23.55
C SER C 11 -10.38 -13.57 -23.55
N LYS C 12 -11.26 -13.58 -22.55
CA LYS C 12 -12.30 -12.53 -22.47
C LYS C 12 -12.62 -12.12 -21.02
N TYR C 13 -12.45 -10.81 -20.74
CA TYR C 13 -12.95 -10.22 -19.47
C TYR C 13 -14.42 -9.89 -19.66
N ASN C 14 -15.27 -10.52 -18.87
CA ASN C 14 -16.71 -10.40 -19.05
C ASN C 14 -17.31 -9.28 -18.18
N GLU C 15 -18.48 -8.82 -18.58
CA GLU C 15 -19.22 -7.80 -17.88
C GLU C 15 -19.37 -8.19 -16.41
N ASP C 16 -19.48 -9.47 -16.09
CA ASP C 16 -19.78 -9.85 -14.72
C ASP C 16 -18.51 -10.16 -13.96
N ASP C 17 -17.34 -9.82 -14.53
CA ASP C 17 -16.03 -9.93 -13.87
C ASP C 17 -15.42 -11.31 -13.83
N THR C 18 -16.02 -12.24 -14.54
CA THR C 18 -15.42 -13.53 -14.76
C THR C 18 -14.50 -13.41 -15.97
N PHE C 19 -13.70 -14.45 -16.17
CA PHE C 19 -12.69 -14.44 -17.20
C PHE C 19 -12.82 -15.69 -18.05
N THR C 20 -12.85 -15.48 -19.36
CA THR C 20 -13.11 -16.54 -20.34
C THR C 20 -11.87 -16.87 -21.14
N VAL C 21 -11.67 -18.17 -21.33
CA VAL C 21 -10.63 -18.67 -22.19
C VAL C 21 -11.20 -19.71 -23.14
N LYS C 22 -10.79 -19.60 -24.40
CA LYS C 22 -11.15 -20.58 -25.43
C LYS C 22 -9.98 -21.55 -25.66
N VAL C 23 -10.20 -22.80 -25.28
CA VAL C 23 -9.16 -23.80 -25.49
C VAL C 23 -9.77 -25.00 -26.18
N ASP C 24 -9.12 -25.42 -27.27
CA ASP C 24 -9.53 -26.61 -28.02
C ASP C 24 -10.99 -26.46 -28.52
N GLY C 25 -11.32 -25.24 -28.95
CA GLY C 25 -12.63 -24.96 -29.53
C GLY C 25 -13.74 -24.93 -28.50
N LYS C 26 -13.38 -24.91 -27.22
CA LYS C 26 -14.34 -24.84 -26.11
C LYS C 26 -14.06 -23.66 -25.14
N GLU C 27 -15.12 -22.96 -24.76
CA GLU C 27 -15.05 -21.75 -23.89
C GLU C 27 -15.28 -22.09 -22.42
N TYR C 28 -14.33 -21.69 -21.57
CA TYR C 28 -14.42 -21.86 -20.11
C TYR C 28 -14.21 -20.56 -19.33
N TRP C 29 -14.99 -20.35 -18.25
CA TRP C 29 -14.88 -19.13 -17.46
C TRP C 29 -14.42 -19.38 -16.06
N THR C 30 -13.72 -18.40 -15.50
CA THR C 30 -13.39 -18.47 -14.10
C THR C 30 -13.83 -17.20 -13.39
N SER C 31 -14.18 -17.35 -12.12
CA SER C 31 -14.39 -16.22 -11.29
C SER C 31 -13.23 -15.99 -10.36
N ARG C 32 -12.19 -16.81 -10.42
CA ARG C 32 -11.05 -16.55 -9.52
C ARG C 32 -10.26 -15.35 -10.03
N TRP C 33 -10.26 -14.27 -9.25
CA TRP C 33 -9.46 -13.06 -9.60
C TRP C 33 -8.01 -13.35 -9.94
N ASN C 34 -7.39 -14.18 -9.11
CA ASN C 34 -5.95 -14.42 -9.21
C ASN C 34 -5.60 -15.11 -10.53
N LEU C 35 -6.58 -15.75 -11.15
CA LEU C 35 -6.33 -16.46 -12.38
C LEU C 35 -6.25 -15.57 -13.59
N GLN C 36 -6.68 -14.32 -13.45
CA GLN C 36 -6.77 -13.46 -14.60
C GLN C 36 -5.39 -13.08 -15.19
N PRO C 37 -4.55 -12.41 -14.40
CA PRO C 37 -3.19 -12.12 -14.86
C PRO C 37 -2.47 -13.37 -15.35
N LEU C 38 -2.70 -14.51 -14.68
CA LEU C 38 -2.02 -15.77 -14.97
C LEU C 38 -2.42 -16.31 -16.35
N LEU C 39 -3.72 -16.36 -16.61
CA LEU C 39 -4.21 -16.78 -17.92
C LEU C 39 -3.79 -15.82 -19.02
N LEU C 40 -3.88 -14.52 -18.78
CA LEU C 40 -3.39 -13.60 -19.81
C LEU C 40 -1.91 -13.92 -20.17
N SER C 41 -1.02 -14.02 -19.17
CA SER C 41 0.37 -14.43 -19.44
C SER C 41 0.50 -15.77 -20.21
N ALA C 42 -0.25 -16.80 -19.78
CA ALA C 42 -0.17 -18.07 -20.46
C ALA C 42 -0.38 -17.89 -21.97
N GLN C 43 -1.48 -17.21 -22.32
CA GLN C 43 -1.82 -16.90 -23.69
C GLN C 43 -0.72 -16.10 -24.35
N LEU C 44 -0.41 -14.93 -23.81
CA LEU C 44 0.70 -14.11 -24.30
C LEU C 44 1.90 -14.88 -24.80
N THR C 45 2.23 -15.97 -24.12
CA THR C 45 3.47 -16.66 -24.37
C THR C 45 3.25 -18.07 -24.92
N GLY C 46 2.03 -18.33 -25.40
CA GLY C 46 1.59 -19.62 -25.91
C GLY C 46 1.79 -20.85 -25.05
N MET C 47 1.59 -20.74 -23.73
CA MET C 47 1.61 -21.91 -22.86
C MET C 47 0.48 -22.84 -23.21
N THR C 48 0.65 -24.11 -22.85
CA THR C 48 -0.42 -25.10 -22.94
C THR C 48 -1.03 -25.17 -21.56
N VAL C 49 -2.35 -25.05 -21.52
CA VAL C 49 -3.07 -25.06 -20.27
C VAL C 49 -4.00 -26.21 -20.31
N THR C 50 -4.34 -26.76 -19.14
CA THR C 50 -5.24 -27.89 -19.06
C THR C 50 -6.33 -27.47 -18.12
N ILE C 51 -7.53 -27.27 -18.62
CA ILE C 51 -8.63 -26.87 -17.77
C ILE C 51 -9.21 -28.07 -17.01
N LYS C 52 -9.48 -27.90 -15.72
CA LYS C 52 -9.96 -29.02 -14.91
C LYS C 52 -11.30 -28.67 -14.21
N SER C 53 -12.31 -29.52 -14.34
CA SER C 53 -13.63 -29.18 -13.84
C SER C 53 -14.58 -30.34 -13.60
N SER C 54 -15.59 -30.09 -12.75
CA SER C 54 -16.75 -30.97 -12.53
C SER C 54 -17.50 -31.29 -13.86
N THR C 55 -17.57 -30.31 -14.76
CA THR C 55 -18.22 -30.49 -16.08
C THR C 55 -17.37 -29.92 -17.19
N CYS C 56 -17.59 -30.34 -18.45
CA CYS C 56 -16.67 -30.00 -19.53
C CYS C 56 -17.33 -29.53 -20.82
N GLU C 57 -18.66 -29.51 -20.81
CA GLU C 57 -19.42 -28.87 -21.87
C GLU C 57 -19.01 -27.40 -21.94
N SER C 58 -18.79 -26.91 -23.16
CA SER C 58 -18.44 -25.50 -23.42
C SER C 58 -19.35 -24.49 -22.67
N GLY C 59 -18.75 -23.66 -21.81
CA GLY C 59 -19.53 -22.73 -21.00
C GLY C 59 -19.47 -23.03 -19.51
N SER C 60 -18.71 -24.06 -19.16
CA SER C 60 -18.53 -24.48 -17.78
C SER C 60 -17.61 -23.59 -17.02
N GLY C 61 -17.75 -23.63 -15.70
CA GLY C 61 -16.89 -22.87 -14.83
C GLY C 61 -15.64 -23.69 -14.57
N PHE C 62 -14.52 -23.06 -14.28
CA PHE C 62 -13.42 -23.79 -13.71
C PHE C 62 -12.72 -22.96 -12.62
N ALA C 63 -12.18 -23.64 -11.63
CA ALA C 63 -11.34 -22.94 -10.67
C ALA C 63 -10.02 -23.64 -10.53
N GLU C 64 -9.65 -24.45 -11.52
CA GLU C 64 -8.45 -25.26 -11.45
C GLU C 64 -7.80 -25.43 -12.82
N VAL C 65 -6.56 -25.01 -12.96
CA VAL C 65 -5.91 -25.09 -14.25
C VAL C 65 -4.41 -25.41 -14.11
N GLN C 66 -3.94 -26.27 -15.01
CA GLN C 66 -2.55 -26.65 -15.06
C GLN C 66 -1.83 -25.90 -16.19
N PHE C 67 -0.62 -25.44 -15.90
CA PHE C 67 0.14 -24.66 -16.84
C PHE C 67 1.33 -25.48 -17.30
N ASN C 68 1.39 -25.82 -18.59
CA ASN C 68 2.61 -26.46 -19.08
C ASN C 68 3.43 -25.58 -19.96
N ASN C 69 4.72 -25.59 -19.70
CA ASN C 69 5.61 -24.69 -20.40
C ASN C 69 5.82 -25.18 -21.82
N ASP C 70 5.97 -26.50 -21.93
CA ASP C 70 6.28 -27.23 -23.18
C ASP C 70 6.79 -26.41 -24.41
N ALA D 1 14.37 -27.27 4.77
CA ALA D 1 15.32 -28.07 3.96
C ALA D 1 15.06 -27.89 2.46
N ASP D 2 16.08 -28.08 1.62
CA ASP D 2 15.86 -27.88 0.18
C ASP D 2 15.29 -29.13 -0.45
N CYS D 3 13.96 -29.18 -0.51
CA CYS D 3 13.22 -30.33 -1.00
C CYS D 3 13.43 -30.67 -2.47
N ALA D 4 13.77 -29.66 -3.28
CA ALA D 4 13.78 -29.80 -4.72
C ALA D 4 14.37 -28.56 -5.37
N LYS D 5 15.33 -28.80 -6.27
CA LYS D 5 15.97 -27.75 -7.04
C LYS D 5 15.87 -28.10 -8.52
N GLY D 6 15.65 -27.09 -9.35
CA GLY D 6 15.44 -27.33 -10.77
C GLY D 6 14.54 -26.28 -11.37
N LYS D 7 13.97 -26.63 -12.52
CA LYS D 7 13.07 -25.76 -13.19
C LYS D 7 11.64 -26.23 -12.88
N ILE D 8 10.66 -25.38 -13.14
CA ILE D 8 9.28 -25.76 -12.91
C ILE D 8 8.74 -26.50 -14.13
N GLU D 9 8.30 -27.73 -13.89
CA GLU D 9 7.87 -28.66 -14.92
C GLU D 9 6.43 -28.35 -15.29
N PHE D 10 5.63 -28.10 -14.27
CA PHE D 10 4.32 -27.50 -14.42
C PHE D 10 3.91 -26.87 -13.11
N SER D 11 2.90 -26.01 -13.20
CA SER D 11 2.30 -25.39 -12.03
C SER D 11 0.77 -25.51 -12.18
N LYS D 12 0.07 -25.42 -11.05
CA LYS D 12 -1.36 -25.71 -11.02
C LYS D 12 -2.05 -24.77 -10.06
N TYR D 13 -2.92 -23.92 -10.57
CA TYR D 13 -3.82 -23.16 -9.73
C TYR D 13 -4.86 -24.14 -9.21
N ASN D 14 -5.00 -24.27 -7.90
CA ASN D 14 -5.91 -25.27 -7.33
C ASN D 14 -7.29 -24.72 -6.90
N GLU D 15 -8.28 -25.60 -6.84
CA GLU D 15 -9.69 -25.32 -6.44
C GLU D 15 -9.77 -24.50 -5.14
N ASP D 16 -8.86 -24.78 -4.23
CA ASP D 16 -8.85 -24.20 -2.93
C ASP D 16 -8.04 -22.91 -2.94
N ASP D 17 -7.66 -22.44 -4.14
CA ASP D 17 -6.85 -21.19 -4.32
C ASP D 17 -5.36 -21.22 -3.91
N THR D 18 -4.84 -22.41 -3.63
CA THR D 18 -3.42 -22.65 -3.46
C THR D 18 -2.81 -22.98 -4.85
N PHE D 19 -1.50 -23.15 -4.86
CA PHE D 19 -0.78 -23.13 -6.10
C PHE D 19 0.32 -24.12 -5.99
N THR D 20 0.27 -25.12 -6.86
CA THR D 20 1.19 -26.23 -6.83
C THR D 20 2.26 -26.02 -7.90
N VAL D 21 3.52 -26.28 -7.53
CA VAL D 21 4.53 -26.46 -8.56
C VAL D 21 5.14 -27.86 -8.57
N LYS D 22 5.54 -28.31 -9.75
CA LYS D 22 6.32 -29.53 -9.91
C LYS D 22 7.78 -29.25 -10.32
N VAL D 23 8.69 -29.78 -9.52
CA VAL D 23 10.12 -29.46 -9.61
C VAL D 23 10.82 -30.76 -9.29
N ASP D 24 11.71 -31.18 -10.22
CA ASP D 24 12.49 -32.39 -10.03
C ASP D 24 11.61 -33.58 -9.54
N GLY D 25 10.47 -33.76 -10.19
CA GLY D 25 9.62 -34.92 -9.97
C GLY D 25 8.79 -34.92 -8.69
N LYS D 26 8.78 -33.80 -7.97
CA LYS D 26 8.03 -33.70 -6.72
C LYS D 26 7.11 -32.49 -6.70
N GLU D 27 5.91 -32.69 -6.22
CA GLU D 27 4.93 -31.62 -6.13
C GLU D 27 4.90 -30.99 -4.75
N TYR D 28 4.74 -29.66 -4.70
CA TYR D 28 4.60 -28.85 -3.47
C TYR D 28 3.61 -27.73 -3.75
N TRP D 29 2.88 -27.30 -2.72
CA TRP D 29 1.89 -26.28 -2.88
C TRP D 29 2.13 -25.14 -1.92
N THR D 30 1.58 -23.99 -2.24
CA THR D 30 1.72 -22.79 -1.42
C THR D 30 0.33 -22.12 -1.31
N SER D 31 0.11 -21.39 -0.23
CA SER D 31 -1.19 -20.73 -0.06
C SER D 31 -1.00 -19.24 -0.05
N ARG D 32 0.26 -18.81 -0.16
CA ARG D 32 0.58 -17.41 -0.30
C ARG D 32 0.29 -16.98 -1.72
N TRP D 33 -0.85 -16.30 -1.89
CA TRP D 33 -1.32 -15.81 -3.19
C TRP D 33 -0.29 -14.98 -3.98
N ASN D 34 0.53 -14.22 -3.28
CA ASN D 34 1.39 -13.30 -3.96
C ASN D 34 2.58 -14.02 -4.60
N LEU D 35 2.77 -15.28 -4.24
CA LEU D 35 3.77 -16.16 -4.87
C LEU D 35 3.43 -16.60 -6.30
N GLN D 36 2.16 -16.65 -6.59
CA GLN D 36 1.67 -17.14 -7.86
C GLN D 36 2.26 -16.49 -9.12
N PRO D 37 2.12 -15.17 -9.29
CA PRO D 37 2.70 -14.65 -10.52
C PRO D 37 4.23 -14.74 -10.53
N LEU D 38 4.83 -14.92 -9.35
CA LEU D 38 6.28 -15.03 -9.30
C LEU D 38 6.71 -16.40 -9.82
N LEU D 39 5.98 -17.42 -9.42
CA LEU D 39 6.34 -18.76 -9.75
C LEU D 39 6.07 -19.01 -11.22
N LEU D 40 4.98 -18.48 -11.75
CA LEU D 40 4.63 -18.60 -13.15
C LEU D 40 5.68 -17.90 -14.05
N SER D 41 6.14 -16.74 -13.63
CA SER D 41 7.18 -16.06 -14.37
C SER D 41 8.45 -16.91 -14.42
N ALA D 42 8.86 -17.39 -13.25
CA ALA D 42 10.00 -18.30 -13.16
C ALA D 42 9.86 -19.50 -14.11
N GLN D 43 8.65 -20.02 -14.26
CA GLN D 43 8.42 -21.15 -15.10
C GLN D 43 8.63 -20.76 -16.55
N LEU D 44 8.07 -19.63 -16.93
CA LEU D 44 8.06 -19.10 -18.27
C LEU D 44 9.44 -18.78 -18.77
N THR D 45 10.29 -18.33 -17.85
CA THR D 45 11.64 -17.93 -18.19
C THR D 45 12.70 -19.02 -17.92
N GLY D 46 12.27 -20.17 -17.38
CA GLY D 46 13.15 -21.28 -17.09
C GLY D 46 14.10 -21.07 -15.94
N MET D 47 13.72 -20.22 -14.97
CA MET D 47 14.56 -20.03 -13.78
C MET D 47 14.78 -21.34 -13.01
N THR D 48 15.89 -21.41 -12.25
CA THR D 48 16.11 -22.53 -11.34
C THR D 48 15.53 -22.11 -9.98
N VAL D 49 14.43 -22.72 -9.58
CA VAL D 49 13.93 -22.50 -8.23
C VAL D 49 14.41 -23.62 -7.33
N THR D 50 14.50 -23.27 -6.05
CA THR D 50 14.75 -24.20 -4.98
C THR D 50 13.53 -24.09 -4.03
N ILE D 51 12.84 -25.21 -3.82
CA ILE D 51 11.73 -25.22 -2.88
C ILE D 51 12.29 -25.62 -1.53
N LYS D 52 11.86 -24.91 -0.50
CA LYS D 52 12.37 -25.08 0.84
C LYS D 52 11.22 -25.38 1.78
N SER D 53 11.32 -26.48 2.52
CA SER D 53 10.34 -26.88 3.52
C SER D 53 10.93 -27.87 4.52
N SER D 54 10.38 -27.88 5.73
CA SER D 54 10.83 -28.83 6.74
C SER D 54 10.30 -30.26 6.51
N THR D 55 9.39 -30.43 5.55
CA THR D 55 9.02 -31.77 5.12
C THR D 55 9.10 -31.83 3.60
N CYS D 56 9.69 -32.88 3.10
CA CYS D 56 10.00 -32.91 1.68
C CYS D 56 9.20 -33.98 0.90
N GLU D 57 8.28 -34.64 1.61
CA GLU D 57 7.33 -35.61 1.05
C GLU D 57 6.51 -34.93 -0.01
N SER D 58 6.34 -35.57 -1.16
CA SER D 58 5.56 -35.01 -2.26
C SER D 58 4.12 -34.65 -1.86
N GLY D 59 3.70 -33.43 -2.18
CA GLY D 59 2.38 -32.94 -1.85
C GLY D 59 2.26 -32.26 -0.50
N SER D 60 3.38 -31.85 0.10
CA SER D 60 3.31 -30.97 1.26
C SER D 60 3.40 -29.49 0.89
N GLY D 61 3.29 -28.65 1.90
CA GLY D 61 3.25 -27.22 1.70
C GLY D 61 4.61 -26.62 1.85
N PHE D 62 4.76 -25.41 1.32
CA PHE D 62 5.97 -24.62 1.52
C PHE D 62 5.61 -23.15 1.65
N ALA D 63 6.50 -22.36 2.19
CA ALA D 63 6.36 -20.90 1.99
C ALA D 63 7.74 -20.23 1.82
N GLU D 64 8.78 -21.04 1.63
CA GLU D 64 10.07 -20.56 1.18
C GLU D 64 10.44 -21.06 -0.23
N VAL D 65 10.97 -20.15 -1.04
CA VAL D 65 11.44 -20.50 -2.41
C VAL D 65 12.47 -19.51 -2.95
N GLN D 66 13.65 -20.02 -3.33
CA GLN D 66 14.71 -19.20 -3.94
C GLN D 66 14.67 -19.29 -5.46
N PHE D 67 14.80 -18.13 -6.11
CA PHE D 67 14.70 -18.01 -7.56
C PHE D 67 16.04 -17.62 -8.11
N ASN D 68 16.57 -18.46 -9.00
CA ASN D 68 17.88 -18.22 -9.65
C ASN D 68 17.73 -18.17 -11.19
N ASN D 69 18.48 -17.31 -11.86
CA ASN D 69 18.55 -17.36 -13.35
C ASN D 69 19.47 -18.52 -13.72
N ASP D 70 19.05 -19.38 -14.67
CA ASP D 70 19.87 -20.58 -15.05
C ASP D 70 19.60 -21.24 -16.43
N ALA E 1 21.65 6.65 2.19
CA ALA E 1 22.95 6.16 1.64
C ALA E 1 22.76 4.86 0.87
N ASP E 2 23.47 4.73 -0.26
CA ASP E 2 23.31 3.60 -1.18
C ASP E 2 24.11 2.38 -0.74
N CYS E 3 23.45 1.22 -0.68
CA CYS E 3 24.08 0.01 -0.20
C CYS E 3 24.73 -0.89 -1.27
N ALA E 4 24.17 -0.94 -2.48
CA ALA E 4 24.64 -1.85 -3.52
C ALA E 4 24.01 -1.46 -4.84
N LYS E 5 24.73 -1.62 -5.93
CA LYS E 5 24.22 -1.21 -7.23
C LYS E 5 24.68 -2.15 -8.35
N GLY E 6 23.84 -3.12 -8.69
CA GLY E 6 24.14 -4.02 -9.80
C GLY E 6 22.93 -4.83 -10.15
N LYS E 7 23.14 -5.98 -10.80
CA LYS E 7 22.08 -6.93 -11.11
C LYS E 7 21.81 -7.86 -9.92
N ILE E 8 20.53 -8.26 -9.74
CA ILE E 8 20.14 -9.22 -8.70
C ILE E 8 20.66 -10.63 -9.03
N GLU E 9 21.49 -11.17 -8.15
CA GLU E 9 22.01 -12.53 -8.35
C GLU E 9 20.88 -13.51 -8.21
N PHE E 10 20.26 -13.52 -7.03
CA PHE E 10 19.10 -14.36 -6.83
C PHE E 10 18.11 -13.66 -5.91
N SER E 11 16.86 -14.16 -5.91
CA SER E 11 15.87 -13.72 -4.94
C SER E 11 15.34 -14.87 -4.10
N LYS E 12 14.67 -14.54 -2.98
CA LYS E 12 14.09 -15.55 -2.08
C LYS E 12 12.84 -15.02 -1.39
N TYR E 13 11.73 -15.70 -1.61
CA TYR E 13 10.54 -15.40 -0.84
C TYR E 13 10.73 -16.10 0.46
N ASN E 14 10.58 -15.36 1.56
CA ASN E 14 10.95 -15.90 2.86
C ASN E 14 9.90 -16.56 3.74
N GLU E 15 10.40 -17.48 4.56
CA GLU E 15 9.61 -18.18 5.56
C GLU E 15 8.71 -17.15 6.27
N ASP E 16 9.29 -16.01 6.69
CA ASP E 16 8.55 -14.94 7.39
C ASP E 16 7.74 -13.96 6.51
N ASP E 17 7.53 -14.26 5.24
CA ASP E 17 6.84 -13.35 4.28
C ASP E 17 7.62 -12.10 3.84
N THR E 18 8.86 -11.98 4.28
CA THR E 18 9.78 -10.96 3.73
C THR E 18 10.39 -11.47 2.40
N PHE E 19 11.00 -10.58 1.63
CA PHE E 19 11.62 -10.94 0.33
C PHE E 19 13.10 -10.55 0.29
N THR E 20 13.92 -11.46 -0.23
CA THR E 20 15.37 -11.27 -0.22
C THR E 20 15.98 -11.19 -1.62
N VAL E 21 16.70 -10.10 -1.87
CA VAL E 21 17.54 -10.01 -3.07
C VAL E 21 18.99 -9.91 -2.66
N LYS E 22 19.87 -10.59 -3.42
CA LYS E 22 21.32 -10.45 -3.29
C LYS E 22 21.93 -9.68 -4.49
N VAL E 23 22.52 -8.52 -4.19
CA VAL E 23 23.13 -7.66 -5.25
C VAL E 23 24.58 -7.26 -4.88
N ASP E 24 25.47 -7.36 -5.87
CA ASP E 24 26.91 -7.06 -5.71
C ASP E 24 27.44 -7.80 -4.45
N GLY E 25 27.29 -9.13 -4.46
CA GLY E 25 27.78 -10.00 -3.38
C GLY E 25 27.05 -9.90 -2.04
N LYS E 26 26.04 -9.06 -1.95
CA LYS E 26 25.44 -8.76 -0.65
C LYS E 26 23.91 -8.95 -0.61
N GLU E 27 23.38 -9.31 0.56
CA GLU E 27 21.99 -9.76 0.76
C GLU E 27 21.13 -8.74 1.51
N TYR E 28 19.92 -8.45 1.01
CA TYR E 28 19.01 -7.52 1.70
C TYR E 28 17.55 -7.99 1.67
N TRP E 29 16.74 -7.51 2.59
CA TRP E 29 15.34 -7.94 2.63
C TRP E 29 14.35 -6.78 2.85
N THR E 30 13.22 -6.85 2.18
CA THR E 30 12.18 -5.87 2.34
C THR E 30 10.90 -6.57 2.83
N SER E 31 10.13 -5.91 3.71
CA SER E 31 8.85 -6.46 4.18
C SER E 31 7.69 -5.90 3.36
N ARG E 32 8.05 -5.13 2.33
CA ARG E 32 7.13 -4.53 1.40
C ARG E 32 6.74 -5.47 0.26
N TRP E 33 5.62 -6.17 0.45
CA TRP E 33 5.14 -7.18 -0.48
C TRP E 33 5.01 -6.51 -1.84
N ASN E 34 4.88 -5.20 -1.81
CA ASN E 34 4.60 -4.37 -2.96
C ASN E 34 5.80 -4.41 -3.93
N LEU E 35 6.99 -4.59 -3.38
CA LEU E 35 8.22 -4.67 -4.16
C LEU E 35 8.48 -6.02 -4.83
N GLN E 36 7.91 -7.09 -4.29
CA GLN E 36 8.23 -8.43 -4.76
C GLN E 36 8.16 -8.58 -6.29
N PRO E 37 6.99 -8.35 -6.91
CA PRO E 37 6.95 -8.51 -8.40
C PRO E 37 7.86 -7.54 -9.15
N LEU E 38 8.04 -6.33 -8.62
CA LEU E 38 8.99 -5.41 -9.17
C LEU E 38 10.44 -5.92 -9.08
N LEU E 39 10.83 -6.53 -7.96
CA LEU E 39 12.20 -7.04 -7.84
C LEU E 39 12.37 -8.24 -8.72
N LEU E 40 11.45 -9.19 -8.61
CA LEU E 40 11.53 -10.31 -9.53
C LEU E 40 11.65 -9.84 -10.98
N SER E 41 10.91 -8.81 -11.38
CA SER E 41 11.00 -8.37 -12.78
C SER E 41 12.40 -7.83 -13.13
N ALA E 42 12.98 -7.08 -12.19
CA ALA E 42 14.30 -6.52 -12.32
C ALA E 42 15.33 -7.66 -12.52
N GLN E 43 15.41 -8.54 -11.53
CA GLN E 43 16.23 -9.73 -11.69
C GLN E 43 16.03 -10.39 -13.05
N LEU E 44 14.78 -10.56 -13.50
CA LEU E 44 14.45 -11.39 -14.68
C LEU E 44 14.79 -10.79 -16.05
N THR E 45 14.88 -9.46 -16.13
CA THR E 45 15.10 -8.77 -17.39
C THR E 45 16.50 -8.15 -17.35
N GLY E 46 17.15 -8.30 -16.20
CA GLY E 46 18.48 -7.80 -15.95
C GLY E 46 18.65 -6.31 -15.74
N MET E 47 17.75 -5.69 -15.01
CA MET E 47 17.86 -4.31 -14.63
C MET E 47 18.95 -4.16 -13.62
N THR E 48 19.39 -2.93 -13.42
CA THR E 48 20.36 -2.63 -12.39
C THR E 48 19.62 -1.99 -11.22
N VAL E 49 19.86 -2.42 -10.01
CA VAL E 49 19.08 -1.86 -8.90
C VAL E 49 19.94 -1.22 -7.82
N THR E 50 19.50 -0.14 -7.21
CA THR E 50 20.23 0.49 -6.11
C THR E 50 19.45 0.29 -4.79
N ILE E 51 20.03 -0.43 -3.83
CA ILE E 51 19.34 -0.67 -2.61
C ILE E 51 19.78 0.46 -1.77
N LYS E 52 18.84 1.28 -1.33
CA LYS E 52 19.13 2.41 -0.44
C LYS E 52 18.65 2.04 0.94
N SER E 53 19.41 2.43 1.95
CA SER E 53 19.16 1.95 3.31
C SER E 53 20.09 2.61 4.34
N SER E 54 19.63 2.64 5.60
CA SER E 54 20.41 3.13 6.76
C SER E 54 21.70 2.31 6.99
N THR E 55 21.56 1.00 6.90
CA THR E 55 22.63 0.07 7.24
C THR E 55 22.97 -0.77 6.01
N CYS E 56 24.18 -0.59 5.50
CA CYS E 56 24.58 -1.22 4.24
C CYS E 56 25.30 -2.57 4.42
N GLU E 57 25.06 -3.21 5.56
CA GLU E 57 25.64 -4.51 5.87
C GLU E 57 24.74 -5.61 5.29
N SER E 58 25.33 -6.59 4.60
CA SER E 58 24.57 -7.69 3.93
C SER E 58 23.73 -8.57 4.89
N GLY E 59 22.43 -8.72 4.60
CA GLY E 59 21.45 -9.31 5.54
C GLY E 59 20.62 -8.23 6.23
N SER E 60 20.87 -6.97 5.87
CA SER E 60 20.15 -5.82 6.41
C SER E 60 18.76 -5.62 5.77
N GLY E 61 17.89 -4.89 6.46
CA GLY E 61 16.57 -4.53 5.91
C GLY E 61 16.62 -3.32 5.00
N PHE E 62 15.55 -3.12 4.21
CA PHE E 62 15.38 -1.92 3.36
C PHE E 62 13.91 -1.73 2.92
N ALA E 63 13.61 -0.53 2.43
CA ALA E 63 12.31 -0.28 1.80
C ALA E 63 12.29 0.92 0.82
N GLU E 64 13.46 1.24 0.26
CA GLU E 64 13.62 2.23 -0.82
C GLU E 64 14.57 1.61 -1.86
N VAL E 65 14.25 1.67 -3.15
CA VAL E 65 15.12 1.02 -4.19
C VAL E 65 14.97 1.60 -5.61
N GLN E 66 16.09 1.92 -6.25
CA GLN E 66 16.06 2.53 -7.57
C GLN E 66 16.25 1.52 -8.71
N PHE E 67 15.52 1.68 -9.81
CA PHE E 67 15.54 0.77 -10.98
C PHE E 67 16.00 1.49 -12.27
N ASN E 68 17.18 1.12 -12.80
CA ASN E 68 17.70 1.58 -14.11
C ASN E 68 17.75 0.51 -15.19
N ASN E 69 17.85 0.92 -16.45
CA ASN E 69 17.55 0.06 -17.59
C ASN E 69 18.78 -0.64 -18.31
N ASP E 70 20.00 -0.39 -17.84
CA ASP E 70 21.21 -0.94 -18.50
C ASP E 70 21.39 -0.34 -19.92
N ALA F 1 -2.03 19.38 -17.16
CA ALA F 1 -0.95 19.81 -18.08
C ALA F 1 0.00 18.66 -18.28
N ASP F 2 0.52 18.53 -19.50
CA ASP F 2 1.57 17.56 -19.80
C ASP F 2 2.88 18.10 -19.25
N CYS F 3 3.38 17.47 -18.19
CA CYS F 3 4.58 17.92 -17.50
C CYS F 3 5.88 17.41 -18.12
N ALA F 4 5.82 16.29 -18.85
CA ALA F 4 7.02 15.62 -19.34
C ALA F 4 6.68 14.48 -20.30
N LYS F 5 7.29 14.52 -21.48
CA LYS F 5 7.24 13.41 -22.44
C LYS F 5 8.65 12.80 -22.51
N GLY F 6 8.75 11.52 -22.86
CA GLY F 6 10.04 10.82 -22.83
C GLY F 6 9.97 9.39 -22.32
N LYS F 7 11.12 8.73 -22.19
CA LYS F 7 11.18 7.34 -21.75
C LYS F 7 11.43 7.47 -20.27
N ILE F 8 11.19 6.41 -19.49
CA ILE F 8 11.57 6.51 -18.10
C ILE F 8 13.06 6.20 -18.00
N GLU F 9 13.84 7.20 -17.57
CA GLU F 9 15.27 7.01 -17.33
C GLU F 9 15.49 6.37 -15.96
N PHE F 10 14.61 6.64 -15.01
CA PHE F 10 14.57 5.77 -13.82
C PHE F 10 13.26 5.84 -13.02
N SER F 11 13.11 4.88 -12.12
CA SER F 11 12.02 4.82 -11.19
C SER F 11 12.61 4.36 -9.88
N LYS F 12 12.00 4.81 -8.79
CA LYS F 12 12.50 4.57 -7.47
C LYS F 12 11.33 4.33 -6.56
N TYR F 13 11.36 3.21 -5.85
CA TYR F 13 10.37 2.91 -4.84
C TYR F 13 10.71 3.54 -3.47
N ASN F 14 9.90 4.49 -3.00
CA ASN F 14 10.22 5.30 -1.82
C ASN F 14 9.67 4.77 -0.50
N GLU F 15 10.42 4.95 0.58
CA GLU F 15 9.99 4.45 1.93
C GLU F 15 8.59 4.83 2.32
N ASP F 16 8.22 6.06 1.99
CA ASP F 16 6.89 6.56 2.38
C ASP F 16 5.72 6.02 1.51
N ASP F 17 5.97 4.94 0.76
CA ASP F 17 4.99 4.35 -0.13
C ASP F 17 4.65 5.09 -1.41
N THR F 18 5.50 6.03 -1.81
CA THR F 18 5.37 6.67 -3.10
C THR F 18 6.32 6.03 -4.08
N PHE F 19 6.08 6.28 -5.35
CA PHE F 19 6.87 5.76 -6.45
C PHE F 19 7.28 6.94 -7.33
N THR F 20 8.57 7.06 -7.62
CA THR F 20 9.12 8.23 -8.32
C THR F 20 9.66 7.82 -9.68
N VAL F 21 9.37 8.61 -10.70
CA VAL F 21 9.92 8.36 -11.99
C VAL F 21 10.72 9.56 -12.51
N LYS F 22 11.67 9.30 -13.39
CA LYS F 22 12.40 10.39 -14.05
C LYS F 22 12.12 10.32 -15.54
N VAL F 23 11.53 11.40 -16.06
CA VAL F 23 11.15 11.47 -17.46
C VAL F 23 11.61 12.82 -17.96
N ASP F 24 12.34 12.77 -19.07
CA ASP F 24 12.86 13.96 -19.72
C ASP F 24 13.53 14.92 -18.74
N GLY F 25 14.26 14.38 -17.76
CA GLY F 25 15.11 15.20 -16.91
C GLY F 25 14.49 15.69 -15.62
N LYS F 26 13.21 15.38 -15.43
CA LYS F 26 12.48 15.83 -14.22
C LYS F 26 11.92 14.66 -13.44
N GLU F 27 11.86 14.81 -12.12
CA GLU F 27 11.34 13.72 -11.28
C GLU F 27 9.93 13.99 -10.74
N TYR F 28 9.09 12.97 -10.80
CA TYR F 28 7.71 13.07 -10.34
C TYR F 28 7.30 11.82 -9.52
N TRP F 29 6.68 12.04 -8.39
CA TRP F 29 6.15 10.91 -7.63
C TRP F 29 4.64 10.72 -7.74
N THR F 30 4.23 9.47 -7.59
CA THR F 30 2.82 9.11 -7.43
C THR F 30 2.55 8.30 -6.13
N SER F 31 1.33 8.38 -5.61
CA SER F 31 0.95 7.53 -4.49
C SER F 31 -0.06 6.49 -4.89
N ARG F 32 -0.43 6.50 -6.16
CA ARG F 32 -1.26 5.40 -6.64
C ARG F 32 -0.42 4.15 -6.71
N TRP F 33 -0.38 3.38 -5.61
CA TRP F 33 0.40 2.13 -5.54
C TRP F 33 0.23 1.17 -6.76
N ASN F 34 -0.94 1.17 -7.40
CA ASN F 34 -1.24 0.34 -8.60
C ASN F 34 -0.64 0.85 -9.89
N LEU F 35 -0.08 2.06 -9.88
CA LEU F 35 0.69 2.51 -11.02
C LEU F 35 2.12 1.90 -11.05
N GLN F 36 2.62 1.44 -9.90
CA GLN F 36 3.99 0.94 -9.82
C GLN F 36 4.31 -0.13 -10.86
N PRO F 37 3.58 -1.27 -10.86
CA PRO F 37 3.97 -2.27 -11.85
C PRO F 37 3.75 -1.82 -13.29
N LEU F 38 2.85 -0.86 -13.51
CA LEU F 38 2.55 -0.40 -14.83
C LEU F 38 3.72 0.45 -15.36
N LEU F 39 4.24 1.33 -14.53
CA LEU F 39 5.33 2.21 -14.86
C LEU F 39 6.60 1.38 -15.10
N LEU F 40 6.91 0.47 -14.18
CA LEU F 40 8.08 -0.40 -14.34
C LEU F 40 8.05 -1.06 -15.72
N SER F 41 6.90 -1.63 -16.05
CA SER F 41 6.68 -2.25 -17.33
C SER F 41 6.96 -1.31 -18.51
N ALA F 42 6.57 -0.05 -18.37
CA ALA F 42 6.78 0.93 -19.44
C ALA F 42 8.27 1.16 -19.60
N GLN F 43 8.97 1.21 -18.47
CA GLN F 43 10.37 1.54 -18.42
C GLN F 43 11.16 0.49 -19.22
N LEU F 44 10.99 -0.76 -18.81
CA LEU F 44 11.55 -1.95 -19.40
C LEU F 44 11.39 -2.09 -20.91
N THR F 45 10.32 -1.51 -21.43
CA THR F 45 10.00 -1.69 -22.83
C THR F 45 10.19 -0.38 -23.57
N GLY F 46 10.87 0.57 -22.92
CA GLY F 46 11.20 1.86 -23.51
C GLY F 46 9.98 2.54 -24.11
N MET F 47 8.86 2.40 -23.41
CA MET F 47 7.65 3.13 -23.74
C MET F 47 7.91 4.56 -23.45
N THR F 48 7.38 5.41 -24.31
CA THR F 48 7.31 6.85 -24.10
C THR F 48 6.08 7.12 -23.22
N VAL F 49 6.28 7.83 -22.12
CA VAL F 49 5.16 8.18 -21.26
C VAL F 49 4.95 9.67 -21.16
N THR F 50 3.69 10.08 -21.00
CA THR F 50 3.41 11.48 -20.69
C THR F 50 2.89 11.56 -19.26
N ILE F 51 3.60 12.33 -18.43
CA ILE F 51 3.19 12.60 -17.08
C ILE F 51 2.26 13.81 -17.08
N LYS F 52 1.14 13.71 -16.37
CA LYS F 52 0.15 14.79 -16.36
C LYS F 52 -0.24 15.21 -14.95
N SER F 53 -0.27 16.50 -14.71
CA SER F 53 -0.55 17.05 -13.39
C SER F 53 -0.96 18.50 -13.47
N SER F 54 -1.63 18.94 -12.40
CA SER F 54 -1.99 20.34 -12.17
C SER F 54 -0.77 21.22 -11.95
N THR F 55 0.36 20.62 -11.58
CA THR F 55 1.64 21.34 -11.38
C THR F 55 2.81 20.51 -11.88
N CYS F 56 3.80 21.17 -12.50
CA CYS F 56 4.78 20.47 -13.31
C CYS F 56 6.26 20.65 -12.93
N GLU F 57 6.57 21.45 -11.93
CA GLU F 57 7.96 21.58 -11.58
C GLU F 57 8.42 20.41 -10.74
N SER F 58 9.59 19.90 -11.07
CA SER F 58 10.24 18.76 -10.38
C SER F 58 9.90 18.53 -8.88
N GLY F 59 9.82 17.24 -8.52
CA GLY F 59 9.52 16.81 -7.14
C GLY F 59 8.03 16.75 -6.82
N SER F 60 7.20 16.91 -7.86
CA SER F 60 5.77 17.08 -7.71
C SER F 60 4.98 15.81 -7.90
N GLY F 61 3.76 15.81 -7.39
CA GLY F 61 2.90 14.63 -7.43
C GLY F 61 2.18 14.50 -8.76
N PHE F 62 1.83 13.28 -9.10
CA PHE F 62 1.05 13.00 -10.30
C PHE F 62 0.18 11.76 -10.15
N ALA F 63 -0.87 11.71 -10.94
CA ALA F 63 -1.75 10.57 -10.96
C ALA F 63 -2.46 10.39 -12.31
N GLU F 64 -2.07 11.17 -13.31
CA GLU F 64 -2.48 10.95 -14.68
C GLU F 64 -1.22 10.63 -15.51
N VAL F 65 -1.29 9.58 -16.32
CA VAL F 65 -0.13 9.15 -17.11
C VAL F 65 -0.53 8.49 -18.42
N GLN F 66 -0.01 9.03 -19.53
CA GLN F 66 -0.20 8.41 -20.84
C GLN F 66 0.96 7.52 -21.23
N PHE F 67 0.60 6.38 -21.81
CA PHE F 67 1.50 5.36 -22.30
C PHE F 67 1.44 5.25 -23.82
N ASN F 68 2.51 5.63 -24.50
CA ASN F 68 2.67 5.30 -25.94
C ASN F 68 3.70 4.21 -26.26
N ASN F 69 3.48 3.55 -27.38
CA ASN F 69 4.36 2.50 -27.81
C ASN F 69 5.00 2.98 -29.08
N ASP F 70 6.33 3.03 -29.11
CA ASP F 70 7.12 3.49 -30.29
C ASP F 70 8.63 3.27 -30.09
N ALA G 1 21.10 20.31 23.88
CA ALA G 1 20.89 21.03 25.17
C ALA G 1 19.42 21.35 25.32
N ASP G 2 18.90 21.25 26.53
CA ASP G 2 17.49 21.53 26.78
C ASP G 2 17.18 22.98 26.53
N CYS G 3 16.60 23.26 25.36
CA CYS G 3 16.16 24.58 24.96
C CYS G 3 14.91 25.05 25.69
N ALA G 4 13.88 24.22 25.68
CA ALA G 4 12.55 24.65 26.11
C ALA G 4 11.87 23.50 26.83
N LYS G 5 11.01 23.81 27.79
CA LYS G 5 10.19 22.78 28.43
C LYS G 5 8.83 23.35 28.80
N GLY G 6 7.78 22.58 28.52
CA GLY G 6 6.42 22.98 28.77
C GLY G 6 5.49 22.36 27.75
N LYS G 7 4.28 22.88 27.68
CA LYS G 7 3.29 22.37 26.78
C LYS G 7 3.51 23.16 25.50
N ILE G 8 2.90 22.72 24.40
CA ILE G 8 2.98 23.46 23.15
C ILE G 8 1.88 24.54 23.14
N GLU G 9 2.31 25.81 23.07
CA GLU G 9 1.39 26.95 23.02
C GLU G 9 0.58 26.92 21.74
N PHE G 10 1.30 26.84 20.61
CA PHE G 10 0.70 26.54 19.34
C PHE G 10 1.69 25.77 18.50
N SER G 11 1.19 25.20 17.40
CA SER G 11 2.07 24.67 16.37
C SER G 11 1.75 25.26 14.99
N LYS G 12 2.63 25.11 14.03
CA LYS G 12 2.39 25.67 12.67
C LYS G 12 3.06 24.85 11.54
N TYR G 13 2.27 24.41 10.56
CA TYR G 13 2.86 23.75 9.38
C TYR G 13 3.40 24.82 8.41
N ASN G 14 4.68 24.75 8.06
CA ASN G 14 5.31 25.85 7.30
C ASN G 14 5.37 25.60 5.79
N GLU G 15 5.28 26.68 5.03
CA GLU G 15 5.40 26.67 3.56
C GLU G 15 6.58 25.84 3.02
N ASP G 16 7.72 25.82 3.71
CA ASP G 16 8.80 24.92 3.27
C ASP G 16 8.72 23.47 3.86
N ASP G 17 7.53 23.09 4.33
CA ASP G 17 7.27 21.73 4.81
C ASP G 17 7.92 21.44 6.15
N THR G 18 8.42 22.47 6.83
CA THR G 18 8.94 22.30 8.17
C THR G 18 7.80 22.53 9.15
N PHE G 19 7.99 22.13 10.39
CA PHE G 19 6.90 22.18 11.37
C PHE G 19 7.35 22.97 12.60
N THR G 20 6.64 24.03 12.97
CA THR G 20 7.08 24.87 14.08
C THR G 20 6.25 24.65 15.31
N VAL G 21 6.90 24.64 16.47
CA VAL G 21 6.20 24.64 17.77
C VAL G 21 6.66 25.71 18.73
N LYS G 22 5.73 26.27 19.48
CA LYS G 22 6.10 27.29 20.48
C LYS G 22 6.13 26.69 21.89
N VAL G 23 7.31 26.75 22.51
CA VAL G 23 7.41 26.26 23.88
C VAL G 23 8.13 27.26 24.74
N ASP G 24 7.57 27.47 25.95
CA ASP G 24 8.03 28.45 26.93
C ASP G 24 8.52 29.73 26.25
N GLY G 25 7.60 30.35 25.53
CA GLY G 25 7.84 31.62 24.87
C GLY G 25 8.75 31.62 23.65
N LYS G 26 9.21 30.46 23.17
CA LYS G 26 10.15 30.45 22.02
C LYS G 26 9.74 29.49 20.87
N GLU G 27 9.99 29.91 19.62
CA GLU G 27 9.60 29.13 18.44
C GLU G 27 10.73 28.29 17.88
N TYR G 28 10.48 26.99 17.72
CA TYR G 28 11.40 26.05 17.07
C TYR G 28 10.76 25.24 15.94
N TRP G 29 11.58 24.74 15.03
CA TRP G 29 11.06 23.98 13.90
C TRP G 29 11.83 22.72 13.55
N THR G 30 11.12 21.78 12.94
CA THR G 30 11.76 20.58 12.43
C THR G 30 11.46 20.31 10.98
N SER G 31 12.34 19.56 10.33
CA SER G 31 12.08 19.14 8.96
C SER G 31 12.00 17.63 8.94
N ARG G 32 12.00 17.00 10.12
CA ARG G 32 11.72 15.56 10.15
C ARG G 32 10.20 15.27 9.94
N TRP G 33 9.85 14.82 8.74
CA TRP G 33 8.47 14.44 8.49
C TRP G 33 7.88 13.75 9.72
N ASN G 34 8.50 12.65 10.11
CA ASN G 34 7.90 11.77 11.08
C ASN G 34 7.49 12.52 12.35
N LEU G 35 8.14 13.66 12.61
CA LEU G 35 7.81 14.45 13.77
C LEU G 35 6.43 15.15 13.86
N GLN G 36 5.80 15.44 12.75
CA GLN G 36 4.58 16.27 12.82
C GLN G 36 3.39 15.69 13.60
N PRO G 37 2.94 14.50 13.19
CA PRO G 37 1.77 13.91 13.86
C PRO G 37 2.07 13.77 15.33
N LEU G 38 3.37 13.66 15.62
CA LEU G 38 3.83 13.37 16.96
C LEU G 38 3.70 14.64 17.80
N LEU G 39 4.16 15.74 17.23
CA LEU G 39 4.03 17.03 17.90
C LEU G 39 2.58 17.46 18.07
N LEU G 40 1.79 17.36 17.01
CA LEU G 40 0.37 17.62 17.09
C LEU G 40 -0.29 16.87 18.28
N SER G 41 -0.12 15.54 18.32
CA SER G 41 -0.80 14.72 19.31
C SER G 41 -0.46 15.23 20.72
N ALA G 42 0.83 15.52 20.88
CA ALA G 42 1.36 16.04 22.10
C ALA G 42 0.67 17.33 22.52
N GLN G 43 0.47 18.24 21.57
CA GLN G 43 -0.23 19.49 21.87
C GLN G 43 -1.68 19.18 22.23
N LEU G 44 -2.30 18.31 21.44
CA LEU G 44 -3.70 17.93 21.63
C LEU G 44 -4.00 17.42 23.04
N THR G 45 -3.02 16.80 23.70
CA THR G 45 -3.26 16.08 24.92
C THR G 45 -2.57 16.74 26.10
N GLY G 46 -1.97 17.89 25.81
CA GLY G 46 -1.23 18.69 26.80
C GLY G 46 0.02 18.02 27.33
N MET G 47 0.64 17.17 26.54
CA MET G 47 1.94 16.62 26.92
C MET G 47 2.92 17.75 27.19
N THR G 48 3.90 17.46 28.04
CA THR G 48 5.01 18.36 28.30
C THR G 48 6.17 17.83 27.45
N VAL G 49 6.68 18.70 26.58
CA VAL G 49 7.82 18.37 25.70
C VAL G 49 9.09 19.09 26.13
N THR G 50 10.23 18.48 25.86
CA THR G 50 11.50 19.17 26.02
C THR G 50 12.15 19.21 24.65
N ILE G 51 12.14 20.39 24.01
CA ILE G 51 12.90 20.58 22.77
C ILE G 51 14.38 20.54 23.17
N LYS G 52 15.16 19.79 22.42
CA LYS G 52 16.58 19.63 22.66
C LYS G 52 17.25 19.97 21.35
N SER G 53 18.23 20.86 21.37
CA SER G 53 18.90 21.27 20.14
C SER G 53 20.30 21.79 20.39
N SER G 54 20.95 22.19 19.31
CA SER G 54 22.32 22.71 19.31
C SER G 54 22.38 24.19 19.71
N THR G 55 21.40 24.96 19.27
CA THR G 55 21.29 26.37 19.55
C THR G 55 19.88 26.50 20.12
N CYS G 56 19.62 27.54 20.91
CA CYS G 56 18.39 27.56 21.71
C CYS G 56 17.54 28.79 21.60
N GLU G 57 18.11 29.87 21.07
CA GLU G 57 17.33 31.05 20.67
C GLU G 57 16.17 30.65 19.74
N SER G 58 15.08 31.39 19.82
CA SER G 58 13.96 31.33 18.84
C SER G 58 14.44 31.29 17.37
N GLY G 59 13.76 30.49 16.55
CA GLY G 59 14.08 30.40 15.12
C GLY G 59 14.96 29.21 14.84
N SER G 60 15.33 28.49 15.90
CA SER G 60 16.26 27.36 15.77
C SER G 60 15.65 26.10 15.19
N GLY G 61 16.49 25.26 14.57
CA GLY G 61 16.05 23.98 14.11
C GLY G 61 16.18 22.94 15.20
N PHE G 62 15.35 21.89 15.16
CA PHE G 62 15.58 20.74 16.03
C PHE G 62 15.14 19.40 15.42
N ALA G 63 15.82 18.34 15.84
CA ALA G 63 15.47 17.00 15.43
C ALA G 63 15.37 16.10 16.65
N GLU G 64 15.31 16.69 17.84
CA GLU G 64 15.30 15.92 19.06
C GLU G 64 14.29 16.49 20.06
N VAL G 65 13.44 15.62 20.59
CA VAL G 65 12.41 16.10 21.51
C VAL G 65 11.93 14.96 22.40
N GLN G 66 11.84 15.25 23.69
CA GLN G 66 11.44 14.27 24.67
C GLN G 66 9.98 14.53 24.93
N PHE G 67 9.19 13.46 25.00
CA PHE G 67 7.79 13.59 25.35
C PHE G 67 7.54 13.04 26.73
N ASN G 68 6.98 13.87 27.60
CA ASN G 68 6.47 13.39 28.86
C ASN G 68 4.99 13.75 28.98
N ASN G 69 4.26 12.96 29.77
CA ASN G 69 2.92 13.34 30.27
C ASN G 69 3.04 14.24 31.50
N ASP G 70 4.28 14.63 31.82
CA ASP G 70 4.69 15.53 32.94
C ASP G 70 3.75 16.70 33.29
N ALA H 1 13.93 -11.68 24.00
CA ALA H 1 14.00 -11.62 25.48
C ALA H 1 13.29 -10.37 26.04
N ASP H 2 12.43 -10.57 27.04
CA ASP H 2 11.73 -9.48 27.71
C ASP H 2 12.73 -8.67 28.52
N CYS H 3 13.14 -7.52 27.98
CA CYS H 3 14.09 -6.58 28.60
C CYS H 3 13.47 -5.64 29.63
N ALA H 4 12.24 -5.23 29.38
CA ALA H 4 11.56 -4.27 30.21
C ALA H 4 10.06 -4.40 29.94
N LYS H 5 9.30 -4.55 31.02
CA LYS H 5 7.84 -4.52 31.00
C LYS H 5 7.42 -3.26 31.82
N GLY H 6 6.25 -2.69 31.53
CA GLY H 6 5.80 -1.47 32.18
C GLY H 6 5.15 -0.41 31.30
N LYS H 7 5.14 0.81 31.82
CA LYS H 7 4.53 1.94 31.13
C LYS H 7 5.68 2.81 30.65
N ILE H 8 5.42 3.65 29.66
CA ILE H 8 6.49 4.44 29.11
C ILE H 8 6.61 5.73 29.90
N GLU H 9 7.77 5.94 30.50
CA GLU H 9 8.02 7.09 31.38
C GLU H 9 8.23 8.36 30.58
N PHE H 10 8.81 8.17 29.39
CA PHE H 10 9.06 9.22 28.42
C PHE H 10 9.50 8.59 27.09
N SER H 11 9.31 9.34 26.00
CA SER H 11 9.74 8.90 24.68
C SER H 11 10.53 9.98 23.94
N LYS H 12 11.44 9.58 23.06
CA LYS H 12 12.34 10.55 22.47
C LYS H 12 12.61 10.31 20.99
N TYR H 13 12.30 11.32 20.19
CA TYR H 13 12.69 11.30 18.79
C TYR H 13 14.17 11.67 18.75
N ASN H 14 14.97 10.71 18.31
CA ASN H 14 16.41 10.96 18.20
C ASN H 14 16.85 11.70 16.95
N GLU H 15 17.98 12.40 17.12
CA GLU H 15 18.74 13.08 16.07
C GLU H 15 18.93 12.20 14.84
N ASP H 16 19.14 10.92 15.07
CA ASP H 16 19.42 10.01 13.97
C ASP H 16 18.13 9.36 13.43
N ASP H 17 17.00 10.06 13.57
CA ASP H 17 15.62 9.55 13.21
C ASP H 17 15.17 8.23 13.87
N THR H 18 15.89 7.75 14.89
CA THR H 18 15.38 6.63 15.66
C THR H 18 14.52 7.09 16.86
N PHE H 19 13.95 6.12 17.57
CA PHE H 19 13.00 6.44 18.59
C PHE H 19 13.33 5.77 19.94
N THR H 20 13.42 6.56 20.99
CA THR H 20 13.77 5.98 22.27
C THR H 20 12.55 5.96 23.17
N VAL H 21 12.38 4.86 23.87
CA VAL H 21 11.44 4.83 25.01
C VAL H 21 12.16 4.46 26.30
N LYS H 22 11.54 4.83 27.43
CA LYS H 22 12.05 4.45 28.77
C LYS H 22 10.96 3.73 29.52
N VAL H 23 11.30 2.55 30.02
CA VAL H 23 10.32 1.61 30.57
C VAL H 23 11.00 0.96 31.77
N ASP H 24 10.31 0.93 32.90
CA ASP H 24 10.90 0.43 34.16
C ASP H 24 12.38 0.85 34.23
N GLY H 25 12.59 2.17 34.19
CA GLY H 25 13.91 2.78 34.36
C GLY H 25 15.04 2.42 33.43
N LYS H 26 14.74 1.84 32.26
CA LYS H 26 15.80 1.55 31.28
C LYS H 26 15.38 2.12 29.92
N GLU H 27 16.34 2.69 29.16
CA GLU H 27 16.08 3.36 27.84
C GLU H 27 16.39 2.48 26.59
N TYR H 28 15.43 2.39 25.65
CA TYR H 28 15.66 1.64 24.40
C TYR H 28 15.36 2.43 23.11
N TRP H 29 16.13 2.17 22.06
CA TRP H 29 15.80 2.81 20.76
C TRP H 29 15.34 1.83 19.66
N THR H 30 14.53 2.32 18.75
CA THR H 30 14.21 1.54 17.57
C THR H 30 14.48 2.38 16.30
N SER H 31 14.99 1.75 15.25
CA SER H 31 15.08 2.45 13.98
C SER H 31 13.85 2.14 13.12
N ARG H 32 12.98 1.27 13.64
CA ARG H 32 11.72 0.98 12.97
C ARG H 32 10.75 2.15 12.92
N TRP H 33 10.80 2.91 11.83
CA TRP H 33 9.95 4.11 11.70
C TRP H 33 8.48 3.85 12.00
N ASN H 34 7.96 2.75 11.46
CA ASN H 34 6.63 2.31 11.79
C ASN H 34 6.24 2.36 13.27
N LEU H 35 7.20 2.19 14.17
CA LEU H 35 6.86 2.03 15.60
C LEU H 35 6.61 3.35 16.36
N GLN H 36 6.92 4.46 15.76
CA GLN H 36 6.82 5.71 16.47
C GLN H 36 5.41 6.15 16.96
N PRO H 37 4.45 6.33 16.04
CA PRO H 37 3.10 6.77 16.48
C PRO H 37 2.48 5.73 17.41
N LEU H 38 2.85 4.48 17.19
CA LEU H 38 2.50 3.40 18.02
C LEU H 38 3.04 3.58 19.44
N LEU H 39 4.36 3.66 19.59
CA LEU H 39 4.91 3.85 20.92
C LEU H 39 4.28 5.09 21.56
N LEU H 40 4.07 6.10 20.74
CA LEU H 40 3.61 7.36 21.26
C LEU H 40 2.21 7.24 21.84
N SER H 41 1.38 6.43 21.19
CA SER H 41 0.02 6.17 21.62
C SER H 41 -0.05 5.39 22.95
N ALA H 42 0.77 4.36 23.06
CA ALA H 42 0.92 3.59 24.27
C ALA H 42 1.33 4.46 25.47
N GLN H 43 2.14 5.47 25.20
CA GLN H 43 2.48 6.36 26.30
C GLN H 43 1.28 7.19 26.63
N LEU H 44 0.66 7.80 25.61
CA LEU H 44 -0.49 8.68 25.77
C LEU H 44 -1.64 8.02 26.56
N THR H 45 -1.82 6.71 26.37
CA THR H 45 -2.96 6.00 27.02
C THR H 45 -2.51 5.09 28.16
N GLY H 46 -1.23 5.21 28.53
CA GLY H 46 -0.63 4.44 29.63
C GLY H 46 -0.76 2.94 29.51
N MET H 47 -0.57 2.42 28.31
CA MET H 47 -0.48 0.97 28.07
C MET H 47 0.73 0.37 28.75
N THR H 48 0.62 -0.89 29.13
CA THR H 48 1.78 -1.68 29.51
C THR H 48 2.45 -2.22 28.20
N VAL H 49 3.69 -1.81 27.93
CA VAL H 49 4.43 -2.38 26.82
C VAL H 49 5.51 -3.30 27.34
N THR H 50 5.80 -4.34 26.58
CA THR H 50 6.93 -5.21 26.86
C THR H 50 7.87 -5.08 25.69
N ILE H 51 9.02 -4.49 25.93
CA ILE H 51 10.08 -4.36 24.91
C ILE H 51 10.81 -5.68 24.84
N LYS H 52 11.22 -6.09 23.63
CA LYS H 52 11.92 -7.36 23.42
C LYS H 52 13.17 -7.19 22.54
N SER H 53 14.24 -7.89 22.91
CA SER H 53 15.46 -7.96 22.11
C SER H 53 16.39 -9.07 22.60
N SER H 54 17.46 -9.30 21.86
CA SER H 54 18.42 -10.33 22.21
C SER H 54 19.35 -9.84 23.31
N THR H 55 19.44 -8.52 23.46
CA THR H 55 20.40 -7.91 24.38
C THR H 55 19.75 -6.84 25.23
N CYS H 56 19.70 -7.06 26.53
CA CYS H 56 18.80 -6.26 27.35
C CYS H 56 19.38 -5.05 28.09
N GLU H 57 20.61 -4.64 27.75
CA GLU H 57 21.28 -3.46 28.40
C GLU H 57 20.66 -2.11 27.99
N SER H 58 20.92 -1.07 28.77
CA SER H 58 20.33 0.27 28.53
C SER H 58 20.94 0.98 27.30
N GLY H 59 20.09 1.50 26.42
CA GLY H 59 20.57 2.08 25.16
C GLY H 59 20.96 1.04 24.13
N SER H 60 20.33 -0.14 24.23
CA SER H 60 20.36 -1.17 23.19
C SER H 60 19.22 -0.94 22.20
N GLY H 61 19.45 -1.36 20.95
CA GLY H 61 18.40 -1.31 19.92
C GLY H 61 17.38 -2.42 20.08
N PHE H 62 16.15 -2.19 19.66
CA PHE H 62 15.08 -3.20 19.80
C PHE H 62 14.13 -3.07 18.67
N ALA H 63 13.45 -4.17 18.35
CA ALA H 63 12.64 -4.18 17.17
C ALA H 63 11.35 -4.96 17.36
N GLU H 64 10.98 -5.16 18.63
CA GLU H 64 9.79 -5.97 18.99
C GLU H 64 9.22 -5.49 20.32
N VAL H 65 7.91 -5.38 20.39
CA VAL H 65 7.27 -4.91 21.59
C VAL H 65 5.84 -5.42 21.65
N GLN H 66 5.40 -5.69 22.87
CA GLN H 66 4.03 -6.06 23.10
C GLN H 66 3.26 -4.91 23.74
N PHE H 67 2.16 -4.58 23.11
CA PHE H 67 1.32 -3.55 23.62
C PHE H 67 0.21 -4.27 24.30
N ASN H 68 0.12 -4.10 25.61
CA ASN H 68 -0.99 -4.59 26.39
C ASN H 68 -1.87 -3.47 26.95
N ASN H 69 -3.09 -3.84 27.35
CA ASN H 69 -3.98 -2.98 28.11
C ASN H 69 -3.99 -3.33 29.62
N ASP H 70 -3.00 -4.14 30.03
CA ASP H 70 -2.71 -4.48 31.45
C ASP H 70 -2.78 -3.23 32.32
N ALA I 1 -12.64 -17.29 5.94
CA ALA I 1 -13.78 -17.44 6.90
C ALA I 1 -13.55 -16.52 8.09
N ASP I 2 -14.57 -16.34 8.93
CA ASP I 2 -14.41 -15.57 10.20
C ASP I 2 -13.72 -16.38 11.29
N CYS I 3 -12.51 -15.96 11.65
CA CYS I 3 -11.70 -16.69 12.61
C CYS I 3 -11.93 -16.32 14.06
N ALA I 4 -12.17 -15.04 14.35
CA ALA I 4 -12.43 -14.64 15.74
C ALA I 4 -13.09 -13.29 15.82
N LYS I 5 -14.04 -13.15 16.74
CA LYS I 5 -14.76 -11.88 16.91
C LYS I 5 -14.66 -11.37 18.34
N GLY I 6 -14.16 -10.16 18.50
CA GLY I 6 -13.95 -9.66 19.85
C GLY I 6 -13.02 -8.49 19.92
N LYS I 7 -12.62 -8.14 21.14
CA LYS I 7 -11.79 -6.99 21.39
C LYS I 7 -10.35 -7.44 21.32
N ILE I 8 -9.43 -6.53 21.02
CA ILE I 8 -8.04 -6.95 21.04
C ILE I 8 -7.52 -7.02 22.47
N GLU I 9 -7.13 -8.22 22.92
CA GLU I 9 -6.45 -8.44 24.19
C GLU I 9 -5.03 -7.86 24.20
N PHE I 10 -4.22 -8.20 23.20
CA PHE I 10 -2.91 -7.56 23.04
C PHE I 10 -2.48 -7.52 21.60
N SER I 11 -1.53 -6.64 21.32
CA SER I 11 -0.90 -6.62 20.00
C SER I 11 0.63 -6.64 20.11
N LYS I 12 1.30 -6.97 19.01
CA LYS I 12 2.73 -7.16 19.05
C LYS I 12 3.37 -6.83 17.72
N TYR I 13 4.30 -5.90 17.76
CA TYR I 13 5.12 -5.64 16.61
C TYR I 13 6.24 -6.64 16.64
N ASN I 14 6.29 -7.53 15.65
CA ASN I 14 7.35 -8.52 15.49
C ASN I 14 8.55 -7.99 14.76
N GLU I 15 9.67 -8.67 15.00
CA GLU I 15 10.94 -8.32 14.42
C GLU I 15 10.91 -8.27 12.90
N ASP I 16 10.05 -9.10 12.32
CA ASP I 16 10.03 -9.25 10.87
C ASP I 16 9.14 -8.17 10.18
N ASP I 17 8.69 -7.21 10.98
CA ASP I 17 7.67 -6.19 10.64
C ASP I 17 6.24 -6.70 10.52
N THR I 18 5.97 -7.92 10.96
CA THR I 18 4.60 -8.40 10.95
C THR I 18 3.98 -7.87 12.22
N PHE I 19 2.66 -7.95 12.31
CA PHE I 19 1.97 -7.41 13.44
C PHE I 19 1.02 -8.45 13.88
N THR I 20 1.13 -8.83 15.14
CA THR I 20 0.28 -9.85 15.72
C THR I 20 -0.75 -9.22 16.64
N VAL I 21 -1.99 -9.71 16.52
CA VAL I 21 -3.05 -9.41 17.49
C VAL I 21 -3.67 -10.66 18.15
N LYS I 22 -4.12 -10.52 19.39
CA LYS I 22 -4.86 -11.61 20.07
C LYS I 22 -6.32 -11.27 20.25
N VAL I 23 -7.20 -12.11 19.71
CA VAL I 23 -8.66 -11.86 19.80
C VAL I 23 -9.37 -13.16 20.12
N ASP I 24 -10.24 -13.16 21.14
CA ASP I 24 -10.94 -14.37 21.59
C ASP I 24 -9.99 -15.60 21.69
N GLY I 25 -8.90 -15.44 22.47
CA GLY I 25 -7.93 -16.52 22.71
C GLY I 25 -6.96 -16.94 21.60
N LYS I 26 -6.96 -16.25 20.45
CA LYS I 26 -6.24 -16.75 19.27
C LYS I 26 -5.38 -15.68 18.63
N GLU I 27 -4.11 -15.95 18.39
CA GLU I 27 -3.21 -14.95 17.77
C GLU I 27 -3.18 -15.02 16.23
N TYR I 28 -3.18 -13.86 15.58
CA TYR I 28 -3.01 -13.78 14.12
C TYR I 28 -2.06 -12.64 13.79
N TRP I 29 -1.39 -12.76 12.64
CA TRP I 29 -0.40 -11.79 12.19
C TRP I 29 -0.66 -11.37 10.77
N THR I 30 -0.33 -10.12 10.50
CA THR I 30 -0.46 -9.59 9.18
C THR I 30 0.88 -8.95 8.86
N SER I 31 1.17 -8.84 7.56
CA SER I 31 2.37 -8.17 7.12
C SER I 31 1.97 -6.90 6.40
N ARG I 32 0.70 -6.51 6.49
CA ARG I 32 0.25 -5.27 5.89
C ARG I 32 0.49 -4.14 6.84
N TRP I 33 1.57 -3.42 6.58
CA TRP I 33 2.06 -2.45 7.52
C TRP I 33 1.03 -1.35 7.74
N ASN I 34 0.19 -1.08 6.75
CA ASN I 34 -0.97 -0.18 6.91
C ASN I 34 -2.01 -0.59 7.99
N LEU I 35 -2.06 -1.87 8.31
CA LEU I 35 -2.99 -2.36 9.32
C LEU I 35 -2.58 -1.99 10.73
N GLN I 36 -1.28 -1.77 10.91
CA GLN I 36 -0.75 -1.58 12.24
C GLN I 36 -1.42 -0.42 13.00
N PRO I 37 -1.32 0.84 12.50
CA PRO I 37 -1.89 1.89 13.34
C PRO I 37 -3.37 1.70 13.54
N LEU I 38 -4.06 1.13 12.55
CA LEU I 38 -5.49 0.90 12.65
C LEU I 38 -5.80 -0.11 13.76
N LEU I 39 -4.94 -1.12 13.90
CA LEU I 39 -5.20 -2.19 14.84
C LEU I 39 -4.87 -1.72 16.27
N LEU I 40 -3.78 -0.99 16.44
CA LEU I 40 -3.53 -0.37 17.75
C LEU I 40 -4.73 0.54 18.20
N SER I 41 -5.27 1.34 17.29
CA SER I 41 -6.39 2.20 17.62
C SER I 41 -7.62 1.43 18.13
N ALA I 42 -7.95 0.34 17.42
CA ALA I 42 -9.07 -0.51 17.75
C ALA I 42 -8.88 -1.12 19.16
N GLN I 43 -7.64 -1.35 19.55
CA GLN I 43 -7.32 -1.98 20.81
C GLN I 43 -7.52 -0.94 21.93
N LEU I 44 -6.92 0.23 21.76
CA LEU I 44 -7.07 1.37 22.67
C LEU I 44 -8.51 1.74 23.00
N THR I 45 -9.38 1.65 22.00
CA THR I 45 -10.78 2.10 22.10
C THR I 45 -11.73 0.96 22.34
N GLY I 46 -11.23 -0.27 22.20
CA GLY I 46 -12.04 -1.46 22.47
C GLY I 46 -13.18 -1.76 21.51
N MET I 47 -12.94 -1.46 20.23
CA MET I 47 -13.74 -1.96 19.11
C MET I 47 -13.74 -3.46 19.10
N THR I 48 -14.85 -4.04 18.67
CA THR I 48 -14.91 -5.43 18.27
C THR I 48 -14.37 -5.61 16.82
N VAL I 49 -13.36 -6.47 16.67
CA VAL I 49 -12.74 -6.74 15.36
C VAL I 49 -13.01 -8.17 14.91
N THR I 50 -13.06 -8.37 13.59
CA THR I 50 -13.30 -9.69 13.01
C THR I 50 -12.14 -10.06 12.07
N ILE I 51 -11.36 -11.05 12.48
CA ILE I 51 -10.22 -11.48 11.70
C ILE I 51 -10.74 -12.45 10.68
N LYS I 52 -10.60 -12.12 9.41
CA LYS I 52 -11.13 -12.98 8.38
C LYS I 52 -9.95 -13.61 7.62
N SER I 53 -9.97 -14.94 7.48
CA SER I 53 -8.81 -15.64 6.94
C SER I 53 -9.13 -17.01 6.33
N SER I 54 -8.21 -17.51 5.50
CA SER I 54 -8.33 -18.85 4.90
C SER I 54 -8.02 -19.96 5.90
N THR I 55 -7.20 -19.64 6.90
CA THR I 55 -6.88 -20.61 7.94
C THR I 55 -7.06 -19.92 9.27
N CYS I 56 -7.80 -20.57 10.16
CA CYS I 56 -8.17 -19.95 11.43
C CYS I 56 -7.35 -20.38 12.66
N GLU I 57 -6.45 -21.33 12.49
CA GLU I 57 -5.70 -21.84 13.64
C GLU I 57 -4.80 -20.74 14.19
N SER I 58 -4.76 -20.59 15.52
CA SER I 58 -3.91 -19.57 16.16
C SER I 58 -2.46 -19.59 15.64
N GLY I 59 -1.91 -18.41 15.41
CA GLY I 59 -0.57 -18.28 14.90
C GLY I 59 -0.49 -18.10 13.39
N SER I 60 -1.60 -18.22 12.68
CA SER I 60 -1.60 -18.06 11.23
C SER I 60 -1.74 -16.60 10.83
N GLY I 61 -1.46 -16.32 9.56
CA GLY I 61 -1.57 -14.97 9.03
C GLY I 61 -2.95 -14.60 8.53
N PHE I 62 -3.22 -13.31 8.37
CA PHE I 62 -4.51 -12.85 7.79
C PHE I 62 -4.23 -11.60 6.95
N ALA I 63 -5.11 -11.25 6.02
CA ALA I 63 -4.94 -9.95 5.35
C ALA I 63 -6.24 -9.20 5.20
N GLU I 64 -7.25 -9.64 5.96
CA GLU I 64 -8.59 -9.05 6.02
C GLU I 64 -9.17 -8.89 7.46
N VAL I 65 -9.81 -7.76 7.71
CA VAL I 65 -10.30 -7.46 9.04
C VAL I 65 -11.39 -6.40 9.00
N GLN I 66 -12.38 -6.61 9.88
CA GLN I 66 -13.48 -5.70 9.99
C GLN I 66 -13.53 -5.03 11.33
N PHE I 67 -13.81 -3.74 11.33
CA PHE I 67 -14.01 -2.99 12.56
C PHE I 67 -15.46 -2.57 12.76
N ASN I 68 -15.96 -2.80 13.97
CA ASN I 68 -17.26 -2.33 14.45
C ASN I 68 -17.15 -1.54 15.75
N ASN I 69 -18.10 -0.62 15.95
CA ASN I 69 -18.04 0.25 17.13
CA ASN I 69 -18.11 0.27 17.09
C ASN I 69 -18.64 -0.35 18.41
N ASP I 70 -19.78 0.16 18.90
CA ASP I 70 -20.43 -0.30 20.14
C ASP I 70 -21.87 0.27 20.29
N ALA J 1 -21.52 13.10 -7.17
CA ALA J 1 -22.85 12.59 -6.72
C ALA J 1 -22.72 12.17 -5.27
N ASP J 2 -23.67 12.61 -4.44
CA ASP J 2 -23.68 12.23 -3.05
C ASP J 2 -24.30 10.85 -3.00
N CYS J 3 -23.49 9.84 -2.70
CA CYS J 3 -23.90 8.45 -2.70
C CYS J 3 -24.45 7.95 -1.37
N ALA J 4 -24.05 8.57 -0.26
CA ALA J 4 -24.38 8.05 1.06
C ALA J 4 -23.94 9.01 2.14
N LYS J 5 -24.87 9.42 2.99
CA LYS J 5 -24.54 10.32 4.09
C LYS J 5 -25.01 9.67 5.37
N GLY J 6 -24.16 9.71 6.39
CA GLY J 6 -24.43 9.04 7.67
C GLY J 6 -23.20 8.76 8.52
N LYS J 7 -23.30 7.75 9.37
CA LYS J 7 -22.15 7.39 10.19
C LYS J 7 -21.58 6.13 9.59
N ILE J 8 -20.28 5.91 9.80
CA ILE J 8 -19.66 4.67 9.35
C ILE J 8 -20.06 3.57 10.32
N GLU J 9 -20.72 2.56 9.75
CA GLU J 9 -21.39 1.48 10.47
C GLU J 9 -20.40 0.38 10.84
N PHE J 10 -19.66 -0.07 9.83
CA PHE J 10 -18.38 -0.75 10.00
C PHE J 10 -17.38 -0.31 8.93
N SER J 11 -16.12 -0.69 9.12
CA SER J 11 -15.13 -0.56 8.07
C SER J 11 -14.31 -1.88 7.93
N LYS J 12 -13.75 -2.14 6.76
CA LYS J 12 -13.08 -3.40 6.54
C LYS J 12 -11.87 -3.22 5.65
N TYR J 13 -10.74 -3.73 6.15
CA TYR J 13 -9.51 -3.77 5.36
C TYR J 13 -9.56 -5.01 4.47
N ASN J 14 -9.57 -4.80 3.15
CA ASN J 14 -9.72 -5.90 2.21
C ASN J 14 -8.44 -6.60 1.79
N GLU J 15 -8.55 -7.90 1.56
CA GLU J 15 -7.43 -8.73 1.09
C GLU J 15 -6.69 -8.07 -0.07
N ASP J 16 -7.43 -7.42 -0.97
CA ASP J 16 -6.84 -6.80 -2.13
C ASP J 16 -6.24 -5.41 -1.84
N ASP J 17 -6.26 -5.01 -0.58
CA ASP J 17 -5.62 -3.79 -0.11
C ASP J 17 -6.42 -2.54 -0.41
N THR J 18 -7.64 -2.76 -0.84
CA THR J 18 -8.65 -1.74 -0.74
C THR J 18 -9.24 -1.72 0.70
N PHE J 19 -10.04 -0.68 0.96
CA PHE J 19 -10.67 -0.45 2.26
C PHE J 19 -12.14 -0.14 2.05
N THR J 20 -13.01 -0.94 2.70
CA THR J 20 -14.46 -0.74 2.60
C THR J 20 -15.06 -0.04 3.80
N VAL J 21 -16.10 0.75 3.57
CA VAL J 21 -16.87 1.33 4.67
C VAL J 21 -18.38 1.14 4.42
N LYS J 22 -19.14 0.91 5.49
CA LYS J 22 -20.60 0.93 5.36
C LYS J 22 -21.20 2.24 5.89
N VAL J 23 -22.01 2.90 5.04
CA VAL J 23 -22.69 4.18 5.32
C VAL J 23 -24.12 4.11 4.80
N ASP J 24 -25.08 4.56 5.61
CA ASP J 24 -26.51 4.50 5.29
C ASP J 24 -26.80 3.24 4.47
N GLY J 25 -26.43 2.11 5.08
CA GLY J 25 -26.71 0.78 4.61
C GLY J 25 -26.15 0.39 3.27
N LYS J 26 -25.05 1.03 2.87
CA LYS J 26 -24.42 0.72 1.59
C LYS J 26 -22.91 0.62 1.72
N GLU J 27 -22.32 -0.29 0.95
CA GLU J 27 -20.87 -0.62 1.01
C GLU J 27 -20.10 0.09 -0.08
N TYR J 28 -19.06 0.83 0.30
CA TYR J 28 -18.18 1.46 -0.70
C TYR J 28 -16.70 1.17 -0.43
N TRP J 29 -15.92 0.92 -1.49
CA TRP J 29 -14.46 0.66 -1.33
C TRP J 29 -13.61 1.78 -1.94
N THR J 30 -12.40 1.96 -1.41
CA THR J 30 -11.39 2.90 -1.89
C THR J 30 -10.00 2.28 -1.92
N SER J 31 -9.15 2.77 -2.80
CA SER J 31 -7.79 2.28 -2.98
C SER J 31 -6.81 3.33 -2.48
N ARG J 32 -7.31 4.47 -2.07
CA ARG J 32 -6.45 5.50 -1.51
C ARG J 32 -6.14 5.14 -0.10
N TRP J 33 -4.93 4.66 0.11
CA TRP J 33 -4.46 4.24 1.41
C TRP J 33 -4.48 5.32 2.39
N ASN J 34 -4.31 6.51 1.87
CA ASN J 34 -4.42 7.69 2.73
C ASN J 34 -5.77 7.87 3.41
N LEU J 35 -6.83 7.36 2.81
CA LEU J 35 -8.13 7.48 3.45
C LEU J 35 -8.30 6.60 4.67
N GLN J 36 -7.54 5.51 4.74
CA GLN J 36 -7.76 4.54 5.77
C GLN J 36 -7.77 5.11 7.21
N PRO J 37 -6.66 5.70 7.69
CA PRO J 37 -6.71 6.20 9.08
C PRO J 37 -7.71 7.34 9.28
N LEU J 38 -8.12 8.01 8.21
CA LEU J 38 -9.07 9.11 8.39
C LEU J 38 -10.40 8.47 8.63
N LEU J 39 -10.75 7.52 7.80
CA LEU J 39 -12.03 6.90 7.90
C LEU J 39 -12.21 6.14 9.22
N LEU J 40 -11.14 5.50 9.71
CA LEU J 40 -11.25 4.86 11.01
C LEU J 40 -11.42 5.93 12.13
N SER J 41 -10.69 7.02 11.98
CA SER J 41 -10.85 8.15 12.88
C SER J 41 -12.28 8.66 12.92
N ALA J 42 -12.90 8.80 11.75
CA ALA J 42 -14.27 9.27 11.67
C ALA J 42 -15.27 8.33 12.27
N GLN J 43 -15.01 7.02 12.18
CA GLN J 43 -15.93 6.01 12.66
C GLN J 43 -15.96 6.06 14.19
N LEU J 44 -14.77 5.93 14.79
CA LEU J 44 -14.60 5.89 16.24
C LEU J 44 -15.21 7.10 16.97
N THR J 45 -15.29 8.22 16.26
CA THR J 45 -15.78 9.45 16.84
C THR J 45 -17.16 9.72 16.24
N GLY J 46 -17.69 8.77 15.47
CA GLY J 46 -19.04 8.87 14.91
C GLY J 46 -19.34 10.19 14.20
N MET J 47 -18.32 10.79 13.58
CA MET J 47 -18.52 11.80 12.54
C MET J 47 -19.50 11.29 11.49
N THR J 48 -20.15 12.24 10.84
CA THR J 48 -21.03 11.96 9.72
C THR J 48 -20.19 12.08 8.45
N VAL J 49 -20.23 11.07 7.59
CA VAL J 49 -19.50 11.18 6.34
C VAL J 49 -20.38 11.15 5.10
N THR J 50 -19.96 11.90 4.08
CA THR J 50 -20.60 11.87 2.77
C THR J 50 -19.64 11.21 1.79
N ILE J 51 -19.99 10.01 1.31
CA ILE J 51 -19.27 9.38 0.23
C ILE J 51 -19.71 10.04 -1.06
N LYS J 52 -18.75 10.48 -1.87
CA LYS J 52 -19.04 11.04 -3.19
C LYS J 52 -18.40 10.20 -4.30
N SER J 53 -19.11 10.00 -5.40
CA SER J 53 -18.52 9.32 -6.59
C SER J 53 -19.38 9.41 -7.85
N SER J 54 -18.75 9.19 -9.00
CA SER J 54 -19.40 9.08 -10.32
C SER J 54 -20.64 8.19 -10.32
N THR J 55 -20.59 7.09 -9.55
CA THR J 55 -21.63 6.03 -9.55
C THR J 55 -21.92 5.57 -8.11
N CYS J 56 -23.15 5.18 -7.81
CA CYS J 56 -23.50 5.03 -6.40
C CYS J 56 -24.02 3.66 -5.96
N GLU J 57 -23.98 2.66 -6.83
CA GLU J 57 -24.45 1.32 -6.43
C GLU J 57 -23.61 0.83 -5.24
N SER J 58 -24.13 -0.04 -4.39
CA SER J 58 -23.31 -0.62 -3.30
C SER J 58 -22.19 -1.53 -3.87
N GLY J 59 -20.99 -1.37 -3.32
CA GLY J 59 -19.80 -2.07 -3.83
C GLY J 59 -19.06 -1.31 -4.93
N SER J 60 -19.31 -0.01 -5.02
CA SER J 60 -18.57 0.84 -5.96
C SER J 60 -17.31 1.39 -5.31
N GLY J 61 -16.37 1.77 -6.18
CA GLY J 61 -15.14 2.41 -5.73
C GLY J 61 -15.35 3.89 -5.58
N PHE J 62 -14.73 4.51 -4.58
CA PHE J 62 -14.89 5.94 -4.35
C PHE J 62 -13.53 6.51 -3.90
N ALA J 63 -13.37 7.81 -4.03
CA ALA J 63 -12.16 8.45 -3.56
C ALA J 63 -12.43 9.86 -3.06
N GLU J 64 -13.68 10.30 -3.07
CA GLU J 64 -14.01 11.60 -2.56
C GLU J 64 -14.92 11.41 -1.28
N VAL J 65 -14.60 12.03 -0.15
CA VAL J 65 -15.45 11.93 1.08
C VAL J 65 -15.46 13.21 1.94
N GLN J 66 -16.64 13.73 2.27
CA GLN J 66 -16.73 14.84 3.19
C GLN J 66 -16.80 14.33 4.63
N PHE J 67 -16.09 15.02 5.51
CA PHE J 67 -16.10 14.76 6.95
C PHE J 67 -16.77 15.88 7.70
N ASN J 68 -17.97 15.59 8.22
CA ASN J 68 -18.68 16.51 9.11
C ASN J 68 -18.51 16.19 10.58
N ASN J 69 -18.32 17.24 11.38
CA ASN J 69 -18.24 17.10 12.82
C ASN J 69 -19.63 17.39 13.37
N ASP J 70 -20.37 18.24 12.62
CA ASP J 70 -21.69 18.87 12.98
C ASP J 70 -22.27 18.77 14.40
#